data_2KXG
#
_entry.id   2KXG
#
_entity_poly.entity_id   1
_entity_poly.type   'polypeptide(L)'
_entity_poly.pdbx_seq_one_letter_code
;GPGPAIGEVIGISVNDPRVKEIAEFALKQHAEQNLILAGVDAGQIIKGIPHWDNYYNLILSAKHSPHEFSKFYNVVVLEK
ASDNSLKLVAFVPLF
;
_entity_poly.pdbx_strand_id   A
#
# COMPACT_ATOMS: atom_id res chain seq x y z
N GLY A 1 8.96 12.94 14.17
CA GLY A 1 9.93 12.13 14.96
C GLY A 1 9.26 11.06 15.79
N PRO A 2 9.05 9.85 15.23
CA PRO A 2 8.41 8.73 15.92
C PRO A 2 9.26 8.16 17.05
N GLY A 3 8.64 7.36 17.91
CA GLY A 3 9.34 6.75 19.02
C GLY A 3 8.54 6.76 20.31
N PRO A 4 7.46 5.95 20.39
CA PRO A 4 6.60 5.88 21.57
C PRO A 4 7.15 4.95 22.65
N ALA A 5 6.68 5.13 23.88
CA ALA A 5 7.09 4.30 25.02
C ALA A 5 5.90 3.93 25.90
N ILE A 6 4.70 3.91 25.30
CA ILE A 6 3.48 3.58 26.03
C ILE A 6 2.57 2.67 25.21
N GLY A 7 2.32 3.05 23.95
CA GLY A 7 1.47 2.26 23.08
C GLY A 7 1.93 2.25 21.64
N GLU A 8 1.63 1.17 20.93
CA GLU A 8 2.03 1.04 19.53
C GLU A 8 0.97 0.26 18.73
N VAL A 9 0.63 0.79 17.55
CA VAL A 9 -0.35 0.16 16.67
C VAL A 9 0.35 -0.41 15.43
N ILE A 10 -0.14 -1.56 14.96
CA ILE A 10 0.46 -2.21 13.80
C ILE A 10 -0.51 -2.32 12.63
N GLY A 11 0.06 -2.56 11.44
CA GLY A 11 -0.75 -2.71 10.24
C GLY A 11 -1.11 -4.16 9.98
N ILE A 12 -1.45 -4.50 8.73
CA ILE A 12 -1.82 -5.87 8.42
C ILE A 12 -0.67 -6.63 7.76
N SER A 13 -0.74 -7.95 7.82
CA SER A 13 0.30 -8.82 7.27
C SER A 13 0.15 -8.98 5.75
N VAL A 14 1.28 -9.25 5.09
CA VAL A 14 1.27 -9.47 3.65
C VAL A 14 0.51 -10.76 3.32
N ASN A 15 0.44 -11.65 4.31
CA ASN A 15 -0.27 -12.92 4.18
C ASN A 15 -1.71 -12.67 3.70
N ASP A 16 -2.26 -11.53 4.12
CA ASP A 16 -3.62 -11.15 3.76
C ASP A 16 -3.77 -11.08 2.24
N PRO A 17 -4.58 -11.99 1.66
CA PRO A 17 -4.81 -12.07 0.20
C PRO A 17 -5.40 -10.80 -0.40
N ARG A 18 -6.13 -10.02 0.40
CA ARG A 18 -6.74 -8.78 -0.07
C ARG A 18 -5.69 -7.67 -0.14
N VAL A 19 -4.88 -7.59 0.91
CA VAL A 19 -3.85 -6.59 1.03
C VAL A 19 -2.76 -6.78 -0.04
N LYS A 20 -2.40 -8.04 -0.32
CA LYS A 20 -1.37 -8.35 -1.31
C LYS A 20 -1.84 -8.04 -2.74
N GLU A 21 -3.12 -8.31 -3.03
CA GLU A 21 -3.68 -8.06 -4.36
C GLU A 21 -3.90 -6.56 -4.57
N ILE A 22 -4.33 -5.90 -3.51
CA ILE A 22 -4.59 -4.47 -3.56
C ILE A 22 -3.28 -3.67 -3.57
N ALA A 23 -2.25 -4.17 -2.87
CA ALA A 23 -0.93 -3.52 -2.83
C ALA A 23 -0.28 -3.59 -4.21
N GLU A 24 -0.17 -4.81 -4.73
CA GLU A 24 0.41 -5.05 -6.05
C GLU A 24 -0.30 -4.20 -7.09
N PHE A 25 -1.63 -4.15 -7.02
CA PHE A 25 -2.42 -3.35 -7.95
C PHE A 25 -2.04 -1.87 -7.83
N ALA A 26 -1.72 -1.44 -6.61
CA ALA A 26 -1.33 -0.04 -6.38
C ALA A 26 -0.10 0.32 -7.22
N LEU A 27 0.91 -0.55 -7.19
CA LEU A 27 2.14 -0.31 -7.96
C LEU A 27 1.89 -0.36 -9.48
N LYS A 28 1.11 -1.35 -9.92
CA LYS A 28 0.83 -1.52 -11.36
C LYS A 28 -0.11 -0.43 -11.91
N GLN A 29 -0.84 0.28 -11.05
CA GLN A 29 -1.76 1.33 -11.50
C GLN A 29 -1.03 2.67 -11.64
N HIS A 30 -0.12 2.95 -10.69
CA HIS A 30 0.64 4.20 -10.72
C HIS A 30 2.05 3.95 -11.23
N ALA A 31 2.44 4.70 -12.26
CA ALA A 31 3.77 4.55 -12.85
C ALA A 31 4.07 5.71 -13.80
N GLU A 32 3.76 6.93 -13.36
CA GLU A 32 3.99 8.13 -14.16
C GLU A 32 5.49 8.34 -14.41
N GLN A 33 6.31 8.04 -13.41
CA GLN A 33 7.77 8.19 -13.51
C GLN A 33 8.48 6.83 -13.64
N ASN A 34 7.71 5.76 -13.89
CA ASN A 34 8.26 4.41 -14.04
C ASN A 34 9.18 4.03 -12.86
N LEU A 35 8.56 3.57 -11.77
CA LEU A 35 9.31 3.15 -10.59
C LEU A 35 9.07 1.67 -10.30
N ILE A 36 9.91 1.08 -9.45
CA ILE A 36 9.80 -0.33 -9.13
C ILE A 36 9.64 -0.59 -7.64
N LEU A 37 8.58 -1.29 -7.27
CA LEU A 37 8.32 -1.62 -5.87
C LEU A 37 8.97 -2.97 -5.52
N ALA A 38 9.95 -2.91 -4.62
CA ALA A 38 10.65 -4.11 -4.18
C ALA A 38 9.73 -5.07 -3.43
N GLY A 39 8.70 -4.52 -2.76
CA GLY A 39 7.77 -5.36 -2.02
C GLY A 39 6.94 -4.60 -1.02
N VAL A 40 5.99 -5.31 -0.40
CA VAL A 40 5.09 -4.72 0.61
C VAL A 40 5.77 -4.66 1.97
N ASP A 41 5.68 -3.50 2.63
CA ASP A 41 6.29 -3.31 3.94
C ASP A 41 5.25 -3.31 5.06
N ALA A 42 4.35 -2.32 5.02
CA ALA A 42 3.29 -2.19 6.02
C ALA A 42 1.96 -1.86 5.36
N GLY A 43 0.86 -2.04 6.09
CA GLY A 43 -0.44 -1.77 5.53
C GLY A 43 -1.49 -1.37 6.55
N GLN A 44 -2.58 -0.78 6.05
CA GLN A 44 -3.69 -0.33 6.87
C GLN A 44 -5.00 -0.39 6.07
N ILE A 45 -6.11 -0.64 6.74
CA ILE A 45 -7.41 -0.72 6.07
C ILE A 45 -8.48 0.08 6.82
N ILE A 46 -9.19 0.95 6.09
CA ILE A 46 -10.25 1.76 6.68
C ILE A 46 -11.61 1.26 6.23
N LYS A 47 -12.39 0.76 7.20
CA LYS A 47 -13.73 0.22 6.92
C LYS A 47 -14.77 0.65 7.94
N GLY A 48 -16.03 0.65 7.49
CA GLY A 48 -17.17 0.96 8.35
C GLY A 48 -18.25 -0.08 8.12
N ILE A 49 -18.86 -0.02 6.95
CA ILE A 49 -19.85 -0.99 6.51
C ILE A 49 -19.32 -1.62 5.23
N PRO A 50 -18.90 -2.90 5.27
CA PRO A 50 -18.28 -3.55 4.13
C PRO A 50 -19.24 -4.19 3.12
N HIS A 51 -19.16 -3.66 1.91
CA HIS A 51 -19.92 -4.17 0.78
C HIS A 51 -18.90 -4.59 -0.30
N TRP A 52 -17.67 -4.87 0.18
CA TRP A 52 -16.55 -5.26 -0.65
C TRP A 52 -15.96 -4.07 -1.42
N ASP A 53 -16.10 -2.88 -0.82
CA ASP A 53 -15.56 -1.64 -1.37
C ASP A 53 -14.61 -0.99 -0.36
N ASN A 54 -14.00 -1.85 0.49
CA ASN A 54 -13.08 -1.41 1.54
C ASN A 54 -11.99 -0.48 1.05
N TYR A 55 -11.55 0.43 1.94
CA TYR A 55 -10.50 1.38 1.63
C TYR A 55 -9.17 0.88 2.16
N TYR A 56 -8.12 0.92 1.32
CA TYR A 56 -6.81 0.45 1.72
C TYR A 56 -5.76 1.57 1.71
N ASN A 57 -4.84 1.49 2.67
CA ASN A 57 -3.76 2.47 2.81
C ASN A 57 -2.50 1.73 3.28
N LEU A 58 -1.43 1.73 2.48
CA LEU A 58 -0.23 0.99 2.87
C LEU A 58 1.08 1.69 2.47
N ILE A 59 2.16 1.20 3.09
CA ILE A 59 3.51 1.70 2.83
C ILE A 59 4.37 0.54 2.31
N LEU A 60 5.09 0.75 1.22
CA LEU A 60 5.92 -0.29 0.65
C LEU A 60 7.31 0.23 0.26
N SER A 61 8.21 -0.70 -0.07
CA SER A 61 9.57 -0.35 -0.47
C SER A 61 9.69 -0.39 -1.99
N ALA A 62 10.33 0.64 -2.56
CA ALA A 62 10.48 0.73 -4.02
C ALA A 62 11.71 1.54 -4.43
N LYS A 63 12.37 1.11 -5.51
CA LYS A 63 13.54 1.78 -6.04
C LYS A 63 13.51 1.78 -7.56
N HIS A 64 14.34 2.63 -8.17
CA HIS A 64 14.40 2.75 -9.63
C HIS A 64 15.57 1.95 -10.22
N SER A 65 16.45 1.40 -9.37
CA SER A 65 17.60 0.64 -9.85
C SER A 65 18.07 -0.37 -8.81
N PRO A 66 18.62 -1.52 -9.27
CA PRO A 66 19.13 -2.57 -8.38
C PRO A 66 20.36 -2.12 -7.59
N HIS A 67 21.12 -1.18 -8.16
CA HIS A 67 22.32 -0.65 -7.51
C HIS A 67 21.99 0.55 -6.62
N GLU A 68 20.70 0.77 -6.32
CA GLU A 68 20.31 1.90 -5.49
C GLU A 68 19.42 1.48 -4.31
N PHE A 69 19.24 2.41 -3.38
CA PHE A 69 18.45 2.19 -2.17
C PHE A 69 16.95 2.08 -2.46
N SER A 70 16.24 1.50 -1.48
CA SER A 70 14.79 1.36 -1.53
C SER A 70 14.18 2.29 -0.50
N LYS A 71 13.19 3.07 -0.92
CA LYS A 71 12.55 4.02 -0.02
C LYS A 71 11.11 3.64 0.28
N PHE A 72 10.51 4.33 1.24
CA PHE A 72 9.13 4.08 1.63
C PHE A 72 8.17 4.93 0.82
N TYR A 73 6.99 4.38 0.52
CA TYR A 73 5.98 5.10 -0.24
C TYR A 73 4.59 4.80 0.32
N ASN A 74 3.78 5.84 0.45
CA ASN A 74 2.42 5.73 0.98
C ASN A 74 1.40 5.92 -0.15
N VAL A 75 0.64 4.85 -0.42
CA VAL A 75 -0.37 4.89 -1.46
C VAL A 75 -1.75 4.56 -0.92
N VAL A 76 -2.77 5.22 -1.49
CA VAL A 76 -4.16 5.00 -1.10
C VAL A 76 -4.84 4.17 -2.19
N VAL A 77 -5.46 3.06 -1.79
CA VAL A 77 -6.13 2.18 -2.75
C VAL A 77 -7.58 1.92 -2.39
N LEU A 78 -8.40 1.76 -3.43
CA LEU A 78 -9.82 1.49 -3.26
C LEU A 78 -10.18 0.16 -3.91
N GLU A 79 -10.88 -0.70 -3.16
CA GLU A 79 -11.30 -1.99 -3.67
C GLU A 79 -12.73 -1.89 -4.23
N LYS A 80 -12.97 -2.47 -5.41
CA LYS A 80 -14.29 -2.42 -6.03
C LYS A 80 -14.80 -3.81 -6.40
N ALA A 81 -16.04 -4.08 -6.00
CA ALA A 81 -16.68 -5.36 -6.31
C ALA A 81 -17.40 -5.29 -7.66
N SER A 82 -17.99 -4.13 -7.96
CA SER A 82 -18.71 -3.92 -9.21
C SER A 82 -17.79 -4.16 -10.41
N ASP A 83 -16.54 -3.69 -10.33
CA ASP A 83 -15.59 -3.87 -11.41
C ASP A 83 -14.84 -5.21 -11.25
N ASN A 84 -15.00 -5.86 -10.09
CA ASN A 84 -14.36 -7.14 -9.81
C ASN A 84 -12.84 -7.00 -9.88
N SER A 85 -12.30 -5.95 -9.25
CA SER A 85 -10.86 -5.71 -9.25
C SER A 85 -10.48 -4.65 -8.20
N LEU A 86 -9.23 -4.20 -8.26
CA LEU A 86 -8.72 -3.19 -7.34
C LEU A 86 -8.60 -1.84 -8.05
N LYS A 87 -8.32 -0.79 -7.27
CA LYS A 87 -8.18 0.55 -7.82
C LYS A 87 -7.16 1.37 -7.02
N LEU A 88 -6.38 2.18 -7.72
CA LEU A 88 -5.37 3.02 -7.07
C LEU A 88 -5.88 4.45 -6.95
N VAL A 89 -6.04 4.90 -5.72
CA VAL A 89 -6.53 6.26 -5.46
C VAL A 89 -5.44 7.30 -5.72
N ALA A 90 -4.26 7.10 -5.12
CA ALA A 90 -3.15 8.03 -5.30
C ALA A 90 -1.82 7.42 -4.85
N PHE A 91 -0.71 7.95 -5.39
CA PHE A 91 0.62 7.47 -5.04
C PHE A 91 1.47 8.62 -4.47
N VAL A 92 2.00 8.40 -3.26
CA VAL A 92 2.82 9.42 -2.58
C VAL A 92 4.12 8.84 -2.02
N PRO A 93 5.24 9.57 -2.19
CA PRO A 93 6.55 9.13 -1.69
C PRO A 93 6.72 9.40 -0.19
N LEU A 94 7.30 8.44 0.52
CA LEU A 94 7.52 8.58 1.97
C LEU A 94 9.00 8.77 2.30
N PHE A 95 9.71 9.55 1.49
CA PHE A 95 11.13 9.81 1.71
C PHE A 95 11.53 11.22 1.26
N GLY A 1 -5.33 8.50 19.97
CA GLY A 1 -4.17 8.04 19.16
C GLY A 1 -2.93 8.88 19.39
N PRO A 2 -2.15 8.59 20.45
CA PRO A 2 -0.93 9.34 20.78
C PRO A 2 0.16 9.17 19.72
N GLY A 3 1.06 10.15 19.64
CA GLY A 3 2.15 10.09 18.67
C GLY A 3 3.48 9.75 19.32
N PRO A 4 4.04 8.56 19.02
CA PRO A 4 5.32 8.12 19.57
C PRO A 4 6.51 8.61 18.75
N ALA A 5 7.66 8.75 19.41
CA ALA A 5 8.88 9.21 18.75
C ALA A 5 10.03 8.20 18.91
N ILE A 6 9.69 6.95 19.25
CA ILE A 6 10.69 5.92 19.44
C ILE A 6 10.52 4.79 18.41
N GLY A 7 9.28 4.29 18.28
CA GLY A 7 9.02 3.21 17.34
C GLY A 7 7.96 2.25 17.82
N GLU A 8 6.87 2.15 17.06
CA GLU A 8 5.76 1.26 17.39
C GLU A 8 5.46 0.31 16.23
N VAL A 9 4.66 -0.73 16.51
CA VAL A 9 4.31 -1.71 15.48
C VAL A 9 2.80 -1.76 15.25
N ILE A 10 2.37 -1.31 14.07
CA ILE A 10 0.95 -1.30 13.70
C ILE A 10 0.77 -1.63 12.22
N GLY A 11 -0.43 -2.07 11.85
CA GLY A 11 -0.71 -2.40 10.46
C GLY A 11 -1.08 -3.86 10.25
N ILE A 12 -1.34 -4.23 8.99
CA ILE A 12 -1.71 -5.61 8.66
C ILE A 12 -0.49 -6.40 8.19
N SER A 13 -0.66 -7.71 8.12
CA SER A 13 0.40 -8.61 7.67
C SER A 13 0.33 -8.86 6.17
N VAL A 14 1.49 -9.11 5.55
CA VAL A 14 1.54 -9.39 4.12
C VAL A 14 0.85 -10.71 3.82
N ASN A 15 0.71 -11.55 4.85
CA ASN A 15 0.04 -12.83 4.72
C ASN A 15 -1.36 -12.65 4.16
N ASP A 16 -2.02 -11.55 4.55
CA ASP A 16 -3.37 -11.25 4.09
C ASP A 16 -3.42 -11.17 2.56
N PRO A 17 -4.19 -12.09 1.93
CA PRO A 17 -4.33 -12.15 0.46
C PRO A 17 -4.89 -10.88 -0.17
N ARG A 18 -5.70 -10.14 0.57
CA ARG A 18 -6.30 -8.90 0.06
C ARG A 18 -5.29 -7.76 0.11
N VAL A 19 -4.57 -7.67 1.22
CA VAL A 19 -3.56 -6.65 1.41
C VAL A 19 -2.44 -6.78 0.38
N LYS A 20 -2.03 -8.03 0.11
CA LYS A 20 -0.96 -8.30 -0.86
C LYS A 20 -1.41 -8.08 -2.30
N GLU A 21 -2.67 -8.40 -2.61
CA GLU A 21 -3.20 -8.24 -3.96
C GLU A 21 -3.53 -6.78 -4.25
N ILE A 22 -4.02 -6.10 -3.23
CA ILE A 22 -4.37 -4.69 -3.34
C ILE A 22 -3.12 -3.81 -3.32
N ALA A 23 -2.09 -4.25 -2.59
CA ALA A 23 -0.81 -3.53 -2.51
C ALA A 23 -0.09 -3.58 -3.87
N GLU A 24 0.03 -4.80 -4.40
CA GLU A 24 0.67 -5.03 -5.68
C GLU A 24 -0.06 -4.25 -6.77
N PHE A 25 -1.39 -4.28 -6.73
CA PHE A 25 -2.20 -3.54 -7.70
C PHE A 25 -1.83 -2.06 -7.65
N ALA A 26 -1.56 -1.57 -6.45
CA ALA A 26 -1.19 -0.16 -6.27
C ALA A 26 0.07 0.16 -7.07
N LEU A 27 1.11 -0.67 -6.94
CA LEU A 27 2.37 -0.44 -7.66
C LEU A 27 2.18 -0.56 -9.17
N LYS A 28 1.49 -1.62 -9.61
CA LYS A 28 1.24 -1.84 -11.05
C LYS A 28 0.29 -0.79 -11.64
N GLN A 29 -0.45 -0.08 -10.79
CA GLN A 29 -1.40 0.94 -11.25
C GLN A 29 -0.71 2.29 -11.43
N HIS A 30 0.23 2.63 -10.54
CA HIS A 30 0.97 3.89 -10.62
C HIS A 30 2.39 3.64 -11.14
N ALA A 31 2.76 4.38 -12.18
CA ALA A 31 4.09 4.24 -12.79
C ALA A 31 4.33 5.34 -13.83
N GLU A 32 3.96 6.57 -13.46
CA GLU A 32 4.12 7.73 -14.35
C GLU A 32 5.59 8.13 -14.50
N GLN A 33 6.35 8.03 -13.42
CA GLN A 33 7.77 8.39 -13.43
C GLN A 33 8.69 7.17 -13.44
N ASN A 34 8.12 5.97 -13.60
CA ASN A 34 8.89 4.72 -13.65
C ASN A 34 9.67 4.46 -12.36
N LEU A 35 9.10 3.65 -11.48
CA LEU A 35 9.73 3.28 -10.21
C LEU A 35 9.47 1.82 -9.89
N ILE A 36 10.29 1.23 -9.02
CA ILE A 36 10.15 -0.17 -8.68
C ILE A 36 9.96 -0.41 -7.20
N LEU A 37 8.87 -1.09 -6.83
CA LEU A 37 8.60 -1.41 -5.44
C LEU A 37 9.27 -2.72 -5.06
N ALA A 38 10.22 -2.66 -4.14
CA ALA A 38 10.93 -3.84 -3.68
C ALA A 38 10.01 -4.79 -2.94
N GLY A 39 8.98 -4.25 -2.27
CA GLY A 39 8.06 -5.12 -1.56
C GLY A 39 7.19 -4.39 -0.54
N VAL A 40 6.15 -5.09 -0.08
CA VAL A 40 5.22 -4.55 0.91
C VAL A 40 5.87 -4.48 2.30
N ASP A 41 5.87 -3.28 2.87
CA ASP A 41 6.46 -3.06 4.21
C ASP A 41 5.40 -3.21 5.29
N ALA A 42 4.43 -2.30 5.30
CA ALA A 42 3.34 -2.31 6.27
C ALA A 42 2.17 -1.47 5.76
N GLY A 43 1.00 -1.62 6.38
CA GLY A 43 -0.15 -0.86 5.93
C GLY A 43 -1.30 -0.86 6.90
N GLN A 44 -2.41 -0.27 6.45
CA GLN A 44 -3.62 -0.13 7.23
C GLN A 44 -4.87 -0.38 6.37
N ILE A 45 -6.01 -0.53 7.03
CA ILE A 45 -7.27 -0.76 6.33
C ILE A 45 -8.43 -0.08 7.06
N ILE A 46 -9.34 0.51 6.29
CA ILE A 46 -10.50 1.19 6.85
C ILE A 46 -11.74 0.34 6.62
N LYS A 47 -12.31 -0.13 7.73
CA LYS A 47 -13.49 -1.01 7.68
C LYS A 47 -14.56 -0.63 8.71
N GLY A 48 -15.76 -1.16 8.46
CA GLY A 48 -16.91 -0.95 9.33
C GLY A 48 -17.96 -2.00 9.02
N ILE A 49 -18.59 -1.86 7.85
CA ILE A 49 -19.57 -2.83 7.36
C ILE A 49 -19.02 -3.33 6.02
N PRO A 50 -18.57 -4.58 5.94
CA PRO A 50 -17.95 -5.09 4.73
C PRO A 50 -18.90 -5.55 3.64
N HIS A 51 -18.83 -4.82 2.53
CA HIS A 51 -19.57 -5.10 1.31
C HIS A 51 -18.57 -5.28 0.16
N TRP A 52 -17.28 -5.38 0.54
CA TRP A 52 -16.16 -5.52 -0.38
C TRP A 52 -15.80 -4.20 -1.06
N ASP A 53 -16.02 -3.10 -0.31
CA ASP A 53 -15.69 -1.75 -0.75
C ASP A 53 -14.71 -1.12 0.24
N ASN A 54 -13.94 -1.97 0.93
CA ASN A 54 -13.00 -1.55 1.97
C ASN A 54 -11.89 -0.66 1.41
N TYR A 55 -11.38 0.25 2.26
CA TYR A 55 -10.33 1.17 1.86
C TYR A 55 -8.96 0.72 2.38
N TYR A 56 -8.00 0.57 1.47
CA TYR A 56 -6.67 0.12 1.83
C TYR A 56 -5.66 1.28 1.80
N ASN A 57 -4.97 1.47 2.93
CA ASN A 57 -3.94 2.51 3.08
C ASN A 57 -2.64 1.85 3.52
N LEU A 58 -1.63 1.82 2.65
CA LEU A 58 -0.38 1.13 3.03
C LEU A 58 0.89 1.87 2.62
N ILE A 59 2.01 1.40 3.19
CA ILE A 59 3.34 1.94 2.93
C ILE A 59 4.30 0.81 2.55
N LEU A 60 5.00 0.97 1.43
CA LEU A 60 5.93 -0.06 0.96
C LEU A 60 7.29 0.55 0.56
N SER A 61 8.28 -0.32 0.34
CA SER A 61 9.62 0.12 -0.07
C SER A 61 9.79 0.00 -1.58
N ALA A 62 10.38 1.03 -2.19
CA ALA A 62 10.60 1.06 -3.64
C ALA A 62 11.86 1.85 -4.01
N LYS A 63 12.55 1.37 -5.05
CA LYS A 63 13.76 2.01 -5.55
C LYS A 63 13.87 1.87 -7.07
N HIS A 64 14.78 2.66 -7.66
CA HIS A 64 14.98 2.65 -9.11
C HIS A 64 16.16 1.75 -9.51
N SER A 65 16.93 1.27 -8.52
CA SER A 65 18.09 0.42 -8.82
C SER A 65 18.40 -0.51 -7.64
N PRO A 66 18.84 -1.75 -7.93
CA PRO A 66 19.19 -2.75 -6.91
C PRO A 66 20.39 -2.34 -6.05
N HIS A 67 21.31 -1.57 -6.65
CA HIS A 67 22.50 -1.11 -5.95
C HIS A 67 22.25 0.21 -5.20
N GLU A 68 20.98 0.61 -5.06
CA GLU A 68 20.63 1.85 -4.37
C GLU A 68 19.63 1.60 -3.26
N PHE A 69 19.45 2.62 -2.42
CA PHE A 69 18.54 2.56 -1.28
C PHE A 69 17.07 2.47 -1.70
N SER A 70 16.25 1.98 -0.78
CA SER A 70 14.81 1.87 -0.98
C SER A 70 14.10 2.78 0.01
N LYS A 71 13.18 3.58 -0.50
CA LYS A 71 12.45 4.52 0.35
C LYS A 71 11.00 4.07 0.54
N PHE A 72 10.31 4.72 1.46
CA PHE A 72 8.92 4.39 1.75
C PHE A 72 7.97 5.22 0.91
N TYR A 73 6.79 4.66 0.65
CA TYR A 73 5.77 5.33 -0.14
C TYR A 73 4.39 4.97 0.42
N ASN A 74 3.49 5.95 0.47
CA ASN A 74 2.14 5.74 0.98
C ASN A 74 1.14 5.83 -0.16
N VAL A 75 0.30 4.80 -0.29
CA VAL A 75 -0.69 4.74 -1.35
C VAL A 75 -2.10 4.49 -0.80
N VAL A 76 -3.07 5.00 -1.55
CA VAL A 76 -4.47 4.84 -1.22
C VAL A 76 -5.11 3.93 -2.27
N VAL A 77 -5.51 2.74 -1.85
CA VAL A 77 -6.10 1.77 -2.76
C VAL A 77 -7.53 1.43 -2.35
N LEU A 78 -8.38 1.25 -3.35
CA LEU A 78 -9.78 0.90 -3.13
C LEU A 78 -10.10 -0.45 -3.76
N GLU A 79 -10.70 -1.34 -2.97
CA GLU A 79 -11.06 -2.68 -3.44
C GLU A 79 -12.46 -2.65 -4.06
N LYS A 80 -12.56 -3.03 -5.34
CA LYS A 80 -13.85 -3.03 -6.04
C LYS A 80 -14.31 -4.44 -6.40
N ALA A 81 -15.57 -4.72 -6.07
CA ALA A 81 -16.17 -6.01 -6.38
C ALA A 81 -16.90 -5.96 -7.72
N SER A 82 -17.50 -4.80 -8.02
CA SER A 82 -18.21 -4.61 -9.29
C SER A 82 -17.27 -4.77 -10.47
N ASP A 83 -16.07 -4.20 -10.34
CA ASP A 83 -15.06 -4.30 -11.39
C ASP A 83 -14.31 -5.64 -11.31
N ASN A 84 -14.52 -6.38 -10.21
CA ASN A 84 -13.88 -7.67 -10.00
C ASN A 84 -12.35 -7.53 -9.94
N SER A 85 -11.88 -6.48 -9.26
CA SER A 85 -10.45 -6.24 -9.14
C SER A 85 -10.16 -5.11 -8.16
N LEU A 86 -8.87 -4.83 -7.98
CA LEU A 86 -8.43 -3.77 -7.09
C LEU A 86 -8.39 -2.43 -7.83
N LYS A 87 -8.24 -1.33 -7.11
CA LYS A 87 -8.19 -0.01 -7.73
C LYS A 87 -7.26 0.92 -6.95
N LEU A 88 -6.51 1.73 -7.69
CA LEU A 88 -5.58 2.67 -7.10
C LEU A 88 -6.18 4.08 -7.04
N VAL A 89 -6.25 4.65 -5.84
CA VAL A 89 -6.81 5.98 -5.64
C VAL A 89 -5.73 7.05 -5.84
N ALA A 90 -4.60 6.91 -5.12
CA ALA A 90 -3.51 7.88 -5.22
C ALA A 90 -2.17 7.28 -4.78
N PHE A 91 -1.07 7.86 -5.29
CA PHE A 91 0.28 7.40 -4.94
C PHE A 91 1.10 8.57 -4.37
N VAL A 92 1.65 8.39 -3.17
CA VAL A 92 2.43 9.44 -2.50
C VAL A 92 3.76 8.92 -1.95
N PRO A 93 4.84 9.73 -2.01
CA PRO A 93 6.16 9.34 -1.50
C PRO A 93 6.32 9.58 0.00
N LEU A 94 6.95 8.64 0.69
CA LEU A 94 7.17 8.76 2.13
C LEU A 94 8.66 8.90 2.45
N PHE A 95 9.34 9.81 1.74
CA PHE A 95 10.77 10.04 1.94
C PHE A 95 11.15 11.50 1.68
N GLY A 1 10.72 -1.63 23.00
CA GLY A 1 10.75 -1.47 21.52
C GLY A 1 10.79 0.00 21.11
N PRO A 2 12.00 0.57 20.90
CA PRO A 2 12.16 1.97 20.50
C PRO A 2 11.65 2.24 19.09
N GLY A 3 11.12 3.45 18.90
CA GLY A 3 10.59 3.84 17.59
C GLY A 3 10.03 5.25 17.60
N PRO A 4 8.68 5.39 17.59
CA PRO A 4 8.02 6.70 17.58
C PRO A 4 7.96 7.32 18.98
N ALA A 5 7.69 8.63 19.03
CA ALA A 5 7.59 9.34 20.30
C ALA A 5 6.33 10.21 20.35
N ILE A 6 5.28 9.76 19.65
CA ILE A 6 4.02 10.50 19.62
C ILE A 6 2.84 9.60 19.99
N GLY A 7 2.68 8.48 19.28
CA GLY A 7 1.57 7.57 19.57
C GLY A 7 1.83 6.15 19.11
N GLU A 8 0.84 5.29 19.32
CA GLU A 8 0.94 3.88 18.94
C GLU A 8 0.42 3.67 17.52
N VAL A 9 1.15 2.86 16.73
CA VAL A 9 0.76 2.58 15.36
C VAL A 9 0.61 1.08 15.11
N ILE A 10 -0.38 0.72 14.30
CA ILE A 10 -0.65 -0.67 13.95
C ILE A 10 -1.04 -0.81 12.48
N GLY A 11 -1.03 -2.04 11.97
CA GLY A 11 -1.39 -2.27 10.58
C GLY A 11 -1.73 -3.71 10.28
N ILE A 12 -1.79 -4.07 8.99
CA ILE A 12 -2.11 -5.43 8.59
C ILE A 12 -0.84 -6.20 8.20
N SER A 13 -0.97 -7.52 8.15
CA SER A 13 0.16 -8.38 7.79
C SER A 13 0.15 -8.66 6.28
N VAL A 14 1.33 -8.87 5.71
CA VAL A 14 1.42 -9.17 4.28
C VAL A 14 0.74 -10.50 3.97
N ASN A 15 0.64 -11.35 5.01
CA ASN A 15 0.00 -12.64 4.88
C ASN A 15 -1.41 -12.50 4.28
N ASP A 16 -2.06 -11.39 4.63
CA ASP A 16 -3.41 -11.11 4.15
C ASP A 16 -3.42 -11.06 2.62
N PRO A 17 -4.14 -12.01 1.98
CA PRO A 17 -4.23 -12.11 0.52
C PRO A 17 -4.84 -10.88 -0.16
N ARG A 18 -5.73 -10.17 0.55
CA ARG A 18 -6.37 -8.98 -0.01
C ARG A 18 -5.42 -7.80 0.04
N VAL A 19 -4.73 -7.67 1.17
CA VAL A 19 -3.77 -6.59 1.37
C VAL A 19 -2.63 -6.69 0.35
N LYS A 20 -2.13 -7.90 0.12
CA LYS A 20 -1.03 -8.15 -0.82
C LYS A 20 -1.46 -7.96 -2.28
N GLU A 21 -2.70 -8.35 -2.61
CA GLU A 21 -3.21 -8.23 -3.97
C GLU A 21 -3.60 -6.78 -4.28
N ILE A 22 -4.15 -6.11 -3.30
CA ILE A 22 -4.57 -4.73 -3.44
C ILE A 22 -3.33 -3.81 -3.44
N ALA A 23 -2.31 -4.18 -2.66
CA ALA A 23 -1.05 -3.40 -2.59
C ALA A 23 -0.27 -3.53 -3.89
N GLU A 24 -0.12 -4.75 -4.40
CA GLU A 24 0.59 -4.99 -5.65
C GLU A 24 -0.05 -4.21 -6.78
N PHE A 25 -1.39 -4.24 -6.83
CA PHE A 25 -2.12 -3.49 -7.85
C PHE A 25 -1.78 -2.01 -7.72
N ALA A 26 -1.62 -1.55 -6.48
CA ALA A 26 -1.25 -0.16 -6.22
C ALA A 26 0.02 0.23 -6.98
N LEU A 27 1.05 -0.62 -6.90
CA LEU A 27 2.32 -0.37 -7.59
C LEU A 27 2.15 -0.45 -9.12
N LYS A 28 1.45 -1.48 -9.60
CA LYS A 28 1.24 -1.67 -11.04
C LYS A 28 0.31 -0.61 -11.65
N GLN A 29 -0.47 0.07 -10.81
CA GLN A 29 -1.40 1.10 -11.29
C GLN A 29 -0.69 2.44 -11.49
N HIS A 30 0.25 2.75 -10.59
CA HIS A 30 1.01 4.00 -10.69
C HIS A 30 2.36 3.74 -11.35
N ALA A 31 2.68 4.52 -12.37
CA ALA A 31 3.94 4.36 -13.08
C ALA A 31 4.17 5.45 -14.13
N GLU A 32 3.75 6.68 -13.83
CA GLU A 32 3.92 7.80 -14.75
C GLU A 32 5.35 8.35 -14.65
N GLN A 33 5.86 8.37 -13.43
CA GLN A 33 7.22 8.85 -13.16
C GLN A 33 8.25 7.73 -13.36
N ASN A 34 7.78 6.48 -13.34
CA ASN A 34 8.63 5.30 -13.54
C ASN A 34 9.50 4.99 -12.32
N LEU A 35 8.97 4.14 -11.43
CA LEU A 35 9.68 3.71 -10.22
C LEU A 35 9.41 2.24 -9.95
N ILE A 36 10.19 1.64 -9.05
CA ILE A 36 10.05 0.22 -8.76
C ILE A 36 9.82 -0.05 -7.27
N LEU A 37 8.73 -0.76 -6.97
CA LEU A 37 8.40 -1.11 -5.59
C LEU A 37 9.02 -2.45 -5.22
N ALA A 38 9.98 -2.42 -4.30
CA ALA A 38 10.66 -3.65 -3.86
C ALA A 38 9.70 -4.57 -3.12
N GLY A 39 8.67 -4.01 -2.48
CA GLY A 39 7.73 -4.85 -1.76
C GLY A 39 6.86 -4.10 -0.76
N VAL A 40 5.95 -4.83 -0.13
CA VAL A 40 5.03 -4.28 0.87
C VAL A 40 5.69 -4.24 2.26
N ASP A 41 5.47 -3.15 2.98
CA ASP A 41 6.04 -2.98 4.32
C ASP A 41 4.96 -3.06 5.41
N ALA A 42 4.06 -2.07 5.42
CA ALA A 42 2.97 -2.03 6.40
C ALA A 42 1.68 -1.55 5.76
N GLY A 43 0.56 -1.65 6.48
CA GLY A 43 -0.70 -1.23 5.92
C GLY A 43 -1.79 -0.93 6.93
N GLN A 44 -2.90 -0.44 6.42
CA GLN A 44 -4.06 -0.07 7.22
C GLN A 44 -5.33 -0.16 6.37
N ILE A 45 -6.41 -0.68 6.96
CA ILE A 45 -7.67 -0.82 6.24
C ILE A 45 -8.81 -0.13 6.98
N ILE A 46 -9.61 0.64 6.24
CA ILE A 46 -10.75 1.35 6.81
C ILE A 46 -12.06 0.80 6.24
N LYS A 47 -12.86 0.22 7.12
CA LYS A 47 -14.14 -0.38 6.72
C LYS A 47 -15.28 -0.06 7.70
N GLY A 48 -16.50 -0.22 7.19
CA GLY A 48 -17.71 -0.02 7.99
C GLY A 48 -18.69 -1.14 7.69
N ILE A 49 -19.33 -1.06 6.53
CA ILE A 49 -20.23 -2.08 6.04
C ILE A 49 -19.57 -2.71 4.80
N PRO A 50 -19.08 -3.95 4.90
CA PRO A 50 -18.36 -4.55 3.79
C PRO A 50 -19.17 -5.27 2.74
N HIS A 51 -19.08 -4.73 1.53
CA HIS A 51 -19.70 -5.30 0.34
C HIS A 51 -18.58 -5.57 -0.67
N TRP A 52 -17.36 -5.69 -0.15
CA TRP A 52 -16.15 -5.93 -0.91
C TRP A 52 -15.66 -4.65 -1.61
N ASP A 53 -15.91 -3.52 -0.97
CA ASP A 53 -15.47 -2.21 -1.46
C ASP A 53 -14.60 -1.53 -0.40
N ASN A 54 -13.95 -2.36 0.44
CA ASN A 54 -13.09 -1.89 1.53
C ASN A 54 -12.03 -0.90 1.05
N TYR A 55 -11.67 0.05 1.92
CA TYR A 55 -10.65 1.05 1.59
C TYR A 55 -9.31 0.62 2.17
N TYR A 56 -8.33 0.40 1.28
CA TYR A 56 -7.01 -0.06 1.68
C TYR A 56 -5.96 1.06 1.59
N ASN A 57 -5.16 1.16 2.66
CA ASN A 57 -4.09 2.14 2.75
C ASN A 57 -2.81 1.43 3.20
N LEU A 58 -1.71 1.59 2.46
CA LEU A 58 -0.49 0.89 2.83
C LEU A 58 0.78 1.64 2.44
N ILE A 59 1.86 1.35 3.18
CA ILE A 59 3.17 1.94 2.94
C ILE A 59 4.12 0.84 2.46
N LEU A 60 4.79 1.06 1.34
CA LEU A 60 5.70 0.07 0.78
C LEU A 60 7.07 0.66 0.44
N SER A 61 8.03 -0.21 0.14
CA SER A 61 9.38 0.21 -0.22
C SER A 61 9.57 0.17 -1.73
N ALA A 62 10.15 1.24 -2.28
CA ALA A 62 10.38 1.35 -3.71
C ALA A 62 11.66 2.12 -4.04
N LYS A 63 12.41 1.62 -5.02
CA LYS A 63 13.64 2.27 -5.46
C LYS A 63 13.71 2.30 -6.99
N HIS A 64 14.61 3.13 -7.51
CA HIS A 64 14.78 3.28 -8.95
C HIS A 64 15.81 2.26 -9.49
N SER A 65 16.63 1.71 -8.60
CA SER A 65 17.65 0.74 -8.99
C SER A 65 17.94 -0.25 -7.86
N PRO A 66 18.26 -1.51 -8.22
CA PRO A 66 18.56 -2.58 -7.25
C PRO A 66 19.85 -2.31 -6.46
N HIS A 67 20.77 -1.56 -7.05
CA HIS A 67 22.05 -1.25 -6.41
C HIS A 67 21.95 -0.02 -5.50
N GLU A 68 20.75 0.56 -5.36
CA GLU A 68 20.59 1.74 -4.52
C GLU A 68 19.44 1.61 -3.52
N PHE A 69 19.42 2.53 -2.56
CA PHE A 69 18.42 2.57 -1.49
C PHE A 69 16.98 2.56 -1.96
N SER A 70 16.10 2.16 -1.05
CA SER A 70 14.65 2.13 -1.27
C SER A 70 13.96 3.08 -0.30
N LYS A 71 12.92 3.75 -0.75
CA LYS A 71 12.20 4.70 0.10
C LYS A 71 10.76 4.22 0.34
N PHE A 72 10.11 4.84 1.32
CA PHE A 72 8.74 4.48 1.66
C PHE A 72 7.73 5.34 0.91
N TYR A 73 6.58 4.75 0.58
CA TYR A 73 5.52 5.44 -0.13
C TYR A 73 4.15 5.02 0.41
N ASN A 74 3.24 5.99 0.54
CA ASN A 74 1.90 5.71 1.04
C ASN A 74 0.87 5.85 -0.07
N VAL A 75 0.07 4.80 -0.26
CA VAL A 75 -0.94 4.80 -1.31
C VAL A 75 -2.32 4.40 -0.79
N VAL A 76 -3.34 4.89 -1.49
CA VAL A 76 -4.73 4.58 -1.15
C VAL A 76 -5.35 3.79 -2.30
N VAL A 77 -5.63 2.51 -2.06
CA VAL A 77 -6.20 1.64 -3.08
C VAL A 77 -7.60 1.17 -2.70
N LEU A 78 -8.54 1.36 -3.62
CA LEU A 78 -9.93 0.97 -3.40
C LEU A 78 -10.25 -0.34 -4.13
N GLU A 79 -10.87 -1.27 -3.42
CA GLU A 79 -11.25 -2.55 -4.00
C GLU A 79 -12.66 -2.48 -4.58
N LYS A 80 -12.84 -2.93 -5.83
CA LYS A 80 -14.16 -2.90 -6.46
C LYS A 80 -14.56 -4.26 -7.00
N ALA A 81 -15.81 -4.65 -6.72
CA ALA A 81 -16.36 -5.93 -7.18
C ALA A 81 -17.07 -5.76 -8.52
N SER A 82 -17.64 -4.58 -8.74
CA SER A 82 -18.36 -4.28 -9.98
C SER A 82 -17.46 -4.42 -11.21
N ASP A 83 -16.18 -4.07 -11.04
CA ASP A 83 -15.21 -4.17 -12.15
C ASP A 83 -14.27 -5.37 -11.97
N ASN A 84 -14.53 -6.18 -10.93
CA ASN A 84 -13.73 -7.37 -10.64
C ASN A 84 -12.23 -7.05 -10.70
N SER A 85 -11.79 -6.09 -9.89
CA SER A 85 -10.39 -5.69 -9.85
C SER A 85 -10.15 -4.65 -8.77
N LEU A 86 -8.88 -4.28 -8.60
CA LEU A 86 -8.49 -3.27 -7.63
C LEU A 86 -8.45 -1.90 -8.30
N LYS A 87 -8.29 -0.84 -7.49
CA LYS A 87 -8.25 0.51 -8.03
C LYS A 87 -7.33 1.40 -7.20
N LEU A 88 -6.29 1.93 -7.83
CA LEU A 88 -5.36 2.82 -7.16
C LEU A 88 -5.93 4.24 -7.15
N VAL A 89 -6.40 4.67 -5.98
CA VAL A 89 -7.01 5.99 -5.82
C VAL A 89 -5.94 7.09 -5.86
N ALA A 90 -4.90 6.94 -5.03
CA ALA A 90 -3.83 7.94 -4.99
C ALA A 90 -2.48 7.32 -4.61
N PHE A 91 -1.41 7.89 -5.14
CA PHE A 91 -0.05 7.42 -4.85
C PHE A 91 0.79 8.58 -4.34
N VAL A 92 1.33 8.42 -3.12
CA VAL A 92 2.13 9.46 -2.49
C VAL A 92 3.45 8.93 -1.92
N PRO A 93 4.53 9.71 -2.03
CA PRO A 93 5.85 9.33 -1.50
C PRO A 93 5.97 9.65 -0.02
N LEU A 94 6.57 8.74 0.75
CA LEU A 94 6.73 8.93 2.19
C LEU A 94 8.21 9.17 2.56
N PHE A 95 8.91 9.95 1.74
CA PHE A 95 10.32 10.25 1.99
C PHE A 95 10.67 11.68 1.58
N GLY A 1 14.68 7.80 16.62
CA GLY A 1 13.74 8.10 15.50
C GLY A 1 12.29 8.13 15.93
N PRO A 2 11.39 7.40 15.23
CA PRO A 2 9.96 7.36 15.56
C PRO A 2 9.70 6.68 16.90
N GLY A 3 8.88 7.31 17.73
CA GLY A 3 8.55 6.74 19.04
C GLY A 3 7.37 7.43 19.69
N PRO A 4 6.30 6.67 20.03
CA PRO A 4 5.11 7.22 20.68
C PRO A 4 5.25 7.31 22.20
N ALA A 5 4.17 7.74 22.85
CA ALA A 5 4.16 7.88 24.30
C ALA A 5 2.93 7.20 24.91
N ILE A 6 1.74 7.66 24.50
CA ILE A 6 0.49 7.10 24.99
C ILE A 6 -0.39 6.57 23.84
N GLY A 7 0.12 6.66 22.61
CA GLY A 7 -0.64 6.18 21.45
C GLY A 7 -0.10 4.88 20.89
N GLU A 8 -0.98 4.07 20.33
CA GLU A 8 -0.60 2.79 19.76
C GLU A 8 -1.27 2.57 18.40
N VAL A 9 -0.46 2.32 17.38
CA VAL A 9 -0.97 2.09 16.02
C VAL A 9 -0.47 0.76 15.47
N ILE A 10 -1.32 0.08 14.71
CA ILE A 10 -0.97 -1.20 14.11
C ILE A 10 -1.44 -1.29 12.66
N GLY A 11 -0.74 -2.11 11.87
CA GLY A 11 -1.09 -2.29 10.47
C GLY A 11 -1.43 -3.72 10.14
N ILE A 12 -1.64 -4.02 8.85
CA ILE A 12 -1.98 -5.38 8.45
C ILE A 12 -0.73 -6.13 7.97
N SER A 13 -0.82 -7.46 8.03
CA SER A 13 0.28 -8.33 7.62
C SER A 13 0.20 -8.66 6.14
N VAL A 14 1.34 -8.97 5.53
CA VAL A 14 1.39 -9.34 4.11
C VAL A 14 0.65 -10.66 3.89
N ASN A 15 0.49 -11.43 4.98
CA ASN A 15 -0.22 -12.70 4.92
C ASN A 15 -1.62 -12.51 4.34
N ASP A 16 -2.23 -11.37 4.66
CA ASP A 16 -3.57 -11.04 4.18
C ASP A 16 -3.60 -11.02 2.65
N PRO A 17 -4.36 -11.96 2.03
CA PRO A 17 -4.46 -12.07 0.57
C PRO A 17 -5.00 -10.82 -0.12
N ARG A 18 -5.80 -10.03 0.58
CA ARG A 18 -6.35 -8.80 0.01
C ARG A 18 -5.31 -7.70 0.01
N VAL A 19 -4.66 -7.54 1.16
CA VAL A 19 -3.63 -6.54 1.34
C VAL A 19 -2.48 -6.72 0.34
N LYS A 20 -2.11 -7.98 0.10
CA LYS A 20 -1.02 -8.30 -0.84
C LYS A 20 -1.45 -8.10 -2.30
N GLU A 21 -2.71 -8.42 -2.61
CA GLU A 21 -3.22 -8.28 -3.97
C GLU A 21 -3.51 -6.81 -4.29
N ILE A 22 -3.98 -6.10 -3.28
CA ILE A 22 -4.29 -4.69 -3.42
C ILE A 22 -3.03 -3.84 -3.46
N ALA A 23 -2.01 -4.23 -2.67
CA ALA A 23 -0.73 -3.52 -2.66
C ALA A 23 -0.02 -3.67 -3.99
N GLU A 24 0.13 -4.92 -4.45
CA GLU A 24 0.77 -5.22 -5.72
C GLU A 24 0.06 -4.47 -6.84
N PHE A 25 -1.28 -4.47 -6.81
CA PHE A 25 -2.06 -3.75 -7.80
C PHE A 25 -1.70 -2.27 -7.80
N ALA A 26 -1.39 -1.75 -6.61
CA ALA A 26 -1.02 -0.33 -6.47
C ALA A 26 0.24 -0.03 -7.29
N LEU A 27 1.26 -0.88 -7.15
CA LEU A 27 2.52 -0.69 -7.88
C LEU A 27 2.30 -0.84 -9.40
N LYS A 28 1.55 -1.86 -9.80
CA LYS A 28 1.28 -2.11 -11.22
C LYS A 28 0.32 -1.08 -11.83
N GLN A 29 -0.44 -0.36 -10.98
CA GLN A 29 -1.39 0.65 -11.47
C GLN A 29 -0.68 1.98 -11.72
N HIS A 30 0.28 2.33 -10.86
CA HIS A 30 1.05 3.57 -11.01
C HIS A 30 2.45 3.29 -11.53
N ALA A 31 2.83 3.96 -12.61
CA ALA A 31 4.14 3.76 -13.22
C ALA A 31 4.41 4.78 -14.33
N GLU A 32 4.05 6.03 -14.09
CA GLU A 32 4.24 7.10 -15.07
C GLU A 32 5.72 7.40 -15.32
N GLN A 33 6.52 7.34 -14.24
CA GLN A 33 7.96 7.62 -14.34
C GLN A 33 8.82 6.36 -14.21
N ASN A 34 8.19 5.18 -14.15
CA ASN A 34 8.90 3.91 -14.03
C ASN A 34 9.66 3.78 -12.71
N LEU A 35 9.05 3.11 -11.74
CA LEU A 35 9.65 2.89 -10.42
C LEU A 35 9.46 1.44 -10.01
N ILE A 36 10.36 0.92 -9.16
CA ILE A 36 10.28 -0.47 -8.75
C ILE A 36 10.05 -0.63 -7.25
N LEU A 37 8.99 -1.36 -6.89
CA LEU A 37 8.67 -1.61 -5.50
C LEU A 37 9.35 -2.88 -5.01
N ALA A 38 10.23 -2.71 -4.02
CA ALA A 38 10.97 -3.84 -3.46
C ALA A 38 10.03 -4.79 -2.73
N GLY A 39 8.95 -4.26 -2.15
CA GLY A 39 8.01 -5.12 -1.45
C GLY A 39 7.12 -4.38 -0.47
N VAL A 40 6.14 -5.09 0.07
CA VAL A 40 5.18 -4.54 1.03
C VAL A 40 5.83 -4.37 2.42
N ASP A 41 5.71 -3.16 2.98
CA ASP A 41 6.29 -2.87 4.29
C ASP A 41 5.23 -2.92 5.39
N ALA A 42 4.24 -2.02 5.31
CA ALA A 42 3.16 -1.95 6.29
C ALA A 42 1.88 -1.44 5.64
N GLY A 43 0.76 -1.56 6.35
CA GLY A 43 -0.50 -1.12 5.80
C GLY A 43 -1.56 -0.78 6.83
N GLN A 44 -2.63 -0.16 6.35
CA GLN A 44 -3.75 0.24 7.19
C GLN A 44 -5.07 0.03 6.46
N ILE A 45 -6.08 -0.48 7.17
CA ILE A 45 -7.38 -0.73 6.55
C ILE A 45 -8.49 0.00 7.29
N ILE A 46 -9.26 0.81 6.56
CA ILE A 46 -10.36 1.56 7.12
C ILE A 46 -11.68 0.96 6.67
N LYS A 47 -12.44 0.43 7.64
CA LYS A 47 -13.72 -0.21 7.36
C LYS A 47 -14.81 0.15 8.38
N GLY A 48 -16.04 -0.10 7.98
CA GLY A 48 -17.21 0.12 8.82
C GLY A 48 -18.24 -0.96 8.54
N ILE A 49 -18.81 -0.89 7.34
CA ILE A 49 -19.75 -1.89 6.84
C ILE A 49 -19.16 -2.48 5.57
N PRO A 50 -18.70 -3.74 5.60
CA PRO A 50 -18.03 -4.34 4.46
C PRO A 50 -18.91 -5.04 3.44
N HIS A 51 -18.90 -4.48 2.25
CA HIS A 51 -19.58 -5.03 1.08
C HIS A 51 -18.52 -5.29 0.00
N TRP A 52 -17.28 -5.47 0.46
CA TRP A 52 -16.12 -5.70 -0.38
C TRP A 52 -15.68 -4.40 -1.08
N ASP A 53 -15.88 -3.30 -0.35
CA ASP A 53 -15.49 -1.96 -0.81
C ASP A 53 -14.54 -1.32 0.21
N ASN A 54 -13.79 -2.17 0.95
CA ASN A 54 -12.88 -1.69 1.99
C ASN A 54 -11.84 -0.70 1.46
N TYR A 55 -11.48 0.28 2.30
CA TYR A 55 -10.49 1.29 1.91
C TYR A 55 -9.12 0.93 2.48
N TYR A 56 -8.14 0.78 1.58
CA TYR A 56 -6.79 0.40 1.99
C TYR A 56 -5.81 1.56 1.89
N ASN A 57 -4.93 1.66 2.88
CA ASN A 57 -3.88 2.68 2.94
C ASN A 57 -2.60 2.00 3.40
N LEU A 58 -1.60 1.90 2.52
CA LEU A 58 -0.37 1.20 2.90
C LEU A 58 0.91 1.93 2.50
N ILE A 59 2.01 1.46 3.08
CA ILE A 59 3.35 1.99 2.82
C ILE A 59 4.29 0.84 2.45
N LEU A 60 4.98 0.97 1.32
CA LEU A 60 5.90 -0.09 0.87
C LEU A 60 7.27 0.48 0.49
N SER A 61 8.23 -0.43 0.28
CA SER A 61 9.59 -0.04 -0.11
C SER A 61 9.75 -0.11 -1.63
N ALA A 62 10.47 0.87 -2.19
CA ALA A 62 10.68 0.92 -3.65
C ALA A 62 11.96 1.68 -4.01
N LYS A 63 12.61 1.24 -5.10
CA LYS A 63 13.83 1.85 -5.61
C LYS A 63 13.94 1.72 -7.13
N HIS A 64 14.87 2.46 -7.71
CA HIS A 64 15.07 2.44 -9.16
C HIS A 64 16.31 1.62 -9.55
N SER A 65 17.07 1.13 -8.56
CA SER A 65 18.27 0.34 -8.84
C SER A 65 18.56 -0.68 -7.73
N PRO A 66 19.15 -1.84 -8.10
CA PRO A 66 19.51 -2.91 -7.16
C PRO A 66 20.58 -2.45 -6.16
N HIS A 67 21.51 -1.60 -6.61
CA HIS A 67 22.57 -1.11 -5.76
C HIS A 67 22.19 0.19 -5.04
N GLU A 68 20.89 0.53 -5.04
CA GLU A 68 20.42 1.75 -4.39
C GLU A 68 19.55 1.45 -3.17
N PHE A 69 19.31 2.49 -2.39
CA PHE A 69 18.51 2.39 -1.17
C PHE A 69 17.05 2.03 -1.47
N SER A 70 16.26 1.90 -0.41
CA SER A 70 14.84 1.58 -0.51
C SER A 70 14.07 2.61 0.30
N LYS A 71 13.19 3.36 -0.35
CA LYS A 71 12.44 4.40 0.34
C LYS A 71 10.97 4.01 0.52
N PHE A 72 10.29 4.74 1.38
CA PHE A 72 8.89 4.48 1.69
C PHE A 72 7.95 5.25 0.77
N TYR A 73 6.81 4.64 0.46
CA TYR A 73 5.79 5.25 -0.39
C TYR A 73 4.40 4.91 0.16
N ASN A 74 3.50 5.89 0.18
CA ASN A 74 2.14 5.69 0.69
C ASN A 74 1.13 5.75 -0.45
N VAL A 75 0.25 4.75 -0.52
CA VAL A 75 -0.76 4.69 -1.57
C VAL A 75 -2.16 4.47 -1.01
N VAL A 76 -3.13 5.07 -1.69
CA VAL A 76 -4.53 4.92 -1.34
C VAL A 76 -5.17 4.00 -2.36
N VAL A 77 -5.53 2.80 -1.93
CA VAL A 77 -6.12 1.83 -2.85
C VAL A 77 -7.53 1.45 -2.42
N LEU A 78 -8.41 1.33 -3.41
CA LEU A 78 -9.79 0.98 -3.17
C LEU A 78 -10.13 -0.39 -3.78
N GLU A 79 -10.69 -1.27 -2.95
CA GLU A 79 -11.07 -2.61 -3.39
C GLU A 79 -12.53 -2.60 -3.88
N LYS A 80 -12.76 -3.10 -5.11
CA LYS A 80 -14.11 -3.11 -5.67
C LYS A 80 -14.53 -4.50 -6.14
N ALA A 81 -15.77 -4.87 -5.78
CA ALA A 81 -16.33 -6.16 -6.18
C ALA A 81 -17.05 -6.06 -7.51
N SER A 82 -17.63 -4.88 -7.78
CA SER A 82 -18.35 -4.63 -9.04
C SER A 82 -17.46 -4.93 -10.25
N ASP A 83 -16.18 -4.54 -10.14
CA ASP A 83 -15.23 -4.78 -11.23
C ASP A 83 -14.42 -6.06 -10.99
N ASN A 84 -14.59 -6.67 -9.81
CA ASN A 84 -13.88 -7.90 -9.45
C ASN A 84 -12.37 -7.71 -9.55
N SER A 85 -11.87 -6.65 -8.91
CA SER A 85 -10.45 -6.34 -8.92
C SER A 85 -10.13 -5.19 -7.97
N LEU A 86 -8.87 -4.77 -7.98
CA LEU A 86 -8.41 -3.67 -7.14
C LEU A 86 -8.38 -2.37 -7.95
N LYS A 87 -8.27 -1.24 -7.24
CA LYS A 87 -8.22 0.06 -7.90
C LYS A 87 -7.33 1.04 -7.14
N LEU A 88 -6.33 1.57 -7.84
CA LEU A 88 -5.40 2.51 -7.25
C LEU A 88 -5.96 3.93 -7.25
N VAL A 89 -6.25 4.45 -6.06
CA VAL A 89 -6.79 5.80 -5.91
C VAL A 89 -5.70 6.85 -6.14
N ALA A 90 -4.55 6.68 -5.46
CA ALA A 90 -3.44 7.62 -5.60
C ALA A 90 -2.11 7.02 -5.12
N PHE A 91 -1.01 7.56 -5.65
CA PHE A 91 0.34 7.12 -5.29
C PHE A 91 1.15 8.32 -4.77
N VAL A 92 1.68 8.21 -3.55
CA VAL A 92 2.43 9.29 -2.91
C VAL A 92 3.76 8.83 -2.33
N PRO A 93 4.82 9.66 -2.42
CA PRO A 93 6.14 9.33 -1.87
C PRO A 93 6.19 9.56 -0.36
N LEU A 94 6.82 8.64 0.36
CA LEU A 94 6.93 8.76 1.82
C LEU A 94 8.39 8.93 2.26
N PHE A 95 9.16 9.71 1.50
CA PHE A 95 10.58 9.95 1.82
C PHE A 95 10.90 11.45 1.78
N GLY A 1 -4.87 10.03 17.24
CA GLY A 1 -4.03 10.79 16.27
C GLY A 1 -2.54 10.54 16.47
N PRO A 2 -1.92 11.21 17.46
CA PRO A 2 -0.49 11.06 17.74
C PRO A 2 -0.15 9.74 18.45
N GLY A 3 1.04 9.21 18.18
CA GLY A 3 1.46 7.96 18.80
C GLY A 3 2.85 8.03 19.39
N PRO A 4 3.50 6.86 19.61
CA PRO A 4 4.85 6.79 20.17
C PRO A 4 5.94 7.03 19.12
N ALA A 5 7.19 6.87 19.53
CA ALA A 5 8.32 7.06 18.62
C ALA A 5 8.73 5.73 17.99
N ILE A 6 9.23 4.81 18.82
CA ILE A 6 9.66 3.49 18.35
C ILE A 6 9.40 2.44 19.44
N GLY A 7 8.14 2.32 19.86
CA GLY A 7 7.80 1.35 20.89
C GLY A 7 6.83 0.29 20.42
N GLU A 8 5.77 0.70 19.73
CA GLU A 8 4.77 -0.25 19.23
C GLU A 8 4.68 -0.24 17.71
N VAL A 9 4.52 -1.44 17.13
CA VAL A 9 4.40 -1.60 15.68
C VAL A 9 3.12 -2.34 15.34
N ILE A 10 2.40 -1.86 14.32
CA ILE A 10 1.15 -2.48 13.90
C ILE A 10 1.01 -2.55 12.38
N GLY A 11 0.04 -3.36 11.93
CA GLY A 11 -0.20 -3.54 10.50
C GLY A 11 -0.57 -4.97 10.17
N ILE A 12 -0.75 -5.29 8.88
CA ILE A 12 -1.13 -6.65 8.51
C ILE A 12 -0.02 -7.37 7.73
N SER A 13 -0.07 -8.70 7.78
CA SER A 13 0.91 -9.56 7.10
C SER A 13 0.66 -9.63 5.59
N VAL A 14 1.74 -9.86 4.83
CA VAL A 14 1.64 -10.01 3.38
C VAL A 14 0.78 -11.21 3.04
N ASN A 15 0.77 -12.19 3.95
CA ASN A 15 -0.01 -13.41 3.80
C ASN A 15 -1.44 -13.10 3.36
N ASP A 16 -2.01 -12.02 3.91
CA ASP A 16 -3.37 -11.62 3.57
C ASP A 16 -3.50 -11.40 2.06
N PRO A 17 -4.31 -12.25 1.38
CA PRO A 17 -4.52 -12.20 -0.07
C PRO A 17 -5.00 -10.85 -0.59
N ARG A 18 -5.78 -10.12 0.22
CA ARG A 18 -6.28 -8.81 -0.19
C ARG A 18 -5.17 -7.77 -0.13
N VAL A 19 -4.41 -7.81 0.95
CA VAL A 19 -3.32 -6.89 1.17
C VAL A 19 -2.26 -7.02 0.08
N LYS A 20 -1.93 -8.26 -0.29
CA LYS A 20 -0.93 -8.53 -1.33
C LYS A 20 -1.45 -8.19 -2.72
N GLU A 21 -2.73 -8.45 -2.98
CA GLU A 21 -3.33 -8.17 -4.28
C GLU A 21 -3.65 -6.70 -4.44
N ILE A 22 -4.14 -6.08 -3.37
CA ILE A 22 -4.49 -4.66 -3.39
C ILE A 22 -3.23 -3.79 -3.41
N ALA A 23 -2.15 -4.27 -2.77
CA ALA A 23 -0.88 -3.54 -2.77
C ALA A 23 -0.27 -3.59 -4.17
N GLU A 24 -0.24 -4.80 -4.75
CA GLU A 24 0.28 -5.00 -6.10
C GLU A 24 -0.37 -4.01 -7.05
N PHE A 25 -1.69 -3.94 -7.00
CA PHE A 25 -2.45 -3.02 -7.84
C PHE A 25 -2.01 -1.58 -7.57
N ALA A 26 -1.72 -1.27 -6.31
CA ALA A 26 -1.27 0.06 -5.93
C ALA A 26 -0.03 0.49 -6.73
N LEU A 27 0.87 -0.47 -6.96
CA LEU A 27 2.10 -0.19 -7.73
C LEU A 27 1.81 -0.06 -9.23
N LYS A 28 1.06 -1.02 -9.77
CA LYS A 28 0.73 -1.02 -11.21
C LYS A 28 -0.18 0.14 -11.63
N GLN A 29 -0.86 0.77 -10.66
CA GLN A 29 -1.75 1.89 -10.95
C GLN A 29 -0.96 3.18 -11.18
N HIS A 30 0.20 3.29 -10.51
CA HIS A 30 1.05 4.47 -10.64
C HIS A 30 1.79 4.44 -11.99
N ALA A 31 3.13 4.40 -11.95
CA ALA A 31 3.92 4.34 -13.18
C ALA A 31 3.79 5.61 -14.02
N GLU A 32 3.64 6.77 -13.35
CA GLU A 32 3.52 8.03 -14.05
C GLU A 32 4.90 8.52 -14.51
N GLN A 33 5.90 8.29 -13.67
CA GLN A 33 7.28 8.67 -13.97
C GLN A 33 8.19 7.44 -14.03
N ASN A 34 7.59 6.25 -14.02
CA ASN A 34 8.31 4.98 -14.09
C ASN A 34 9.10 4.70 -12.80
N LEU A 35 8.50 3.93 -11.91
CA LEU A 35 9.11 3.56 -10.64
C LEU A 35 8.83 2.08 -10.35
N ILE A 36 9.78 1.41 -9.69
CA ILE A 36 9.63 -0.02 -9.42
C ILE A 36 9.56 -0.34 -7.94
N LEU A 37 8.50 -1.03 -7.54
CA LEU A 37 8.32 -1.43 -6.15
C LEU A 37 8.94 -2.80 -5.90
N ALA A 38 9.98 -2.83 -5.06
CA ALA A 38 10.67 -4.08 -4.75
C ALA A 38 9.76 -5.05 -4.00
N GLY A 39 8.78 -4.52 -3.25
CA GLY A 39 7.88 -5.40 -2.52
C GLY A 39 7.10 -4.71 -1.42
N VAL A 40 6.17 -5.45 -0.82
CA VAL A 40 5.33 -4.96 0.27
C VAL A 40 6.11 -4.98 1.60
N ASP A 41 5.96 -3.91 2.39
CA ASP A 41 6.65 -3.81 3.68
C ASP A 41 5.67 -3.92 4.85
N ALA A 42 4.76 -2.95 4.95
CA ALA A 42 3.77 -2.93 6.03
C ALA A 42 2.45 -2.36 5.51
N GLY A 43 1.37 -2.57 6.26
CA GLY A 43 0.08 -2.07 5.82
C GLY A 43 -0.96 -1.97 6.91
N GLN A 44 -2.11 -1.42 6.53
CA GLN A 44 -3.24 -1.23 7.44
C GLN A 44 -4.56 -1.31 6.67
N ILE A 45 -5.65 -1.65 7.38
CA ILE A 45 -6.97 -1.76 6.75
C ILE A 45 -8.04 -1.13 7.64
N ILE A 46 -8.76 -0.16 7.09
CA ILE A 46 -9.82 0.53 7.82
C ILE A 46 -11.20 0.13 7.31
N LYS A 47 -12.00 -0.47 8.20
CA LYS A 47 -13.34 -0.93 7.85
C LYS A 47 -14.38 -0.61 8.93
N GLY A 48 -15.65 -0.69 8.53
CA GLY A 48 -16.77 -0.47 9.42
C GLY A 48 -17.87 -1.48 9.10
N ILE A 49 -18.47 -1.30 7.93
CA ILE A 49 -19.47 -2.21 7.41
C ILE A 49 -18.94 -2.72 6.08
N PRO A 50 -18.60 -4.03 5.98
CA PRO A 50 -17.98 -4.54 4.77
C PRO A 50 -18.93 -5.03 3.68
N HIS A 51 -18.87 -4.31 2.58
CA HIS A 51 -19.61 -4.63 1.37
C HIS A 51 -18.58 -4.81 0.24
N TRP A 52 -17.35 -5.12 0.66
CA TRP A 52 -16.20 -5.27 -0.22
C TRP A 52 -15.73 -3.94 -0.77
N ASP A 53 -15.86 -2.90 0.07
CA ASP A 53 -15.42 -1.55 -0.23
C ASP A 53 -14.40 -1.09 0.81
N ASN A 54 -13.70 -2.06 1.40
CA ASN A 54 -12.71 -1.80 2.45
C ASN A 54 -11.60 -0.87 1.98
N TYR A 55 -11.13 0.01 2.89
CA TYR A 55 -10.06 0.94 2.57
C TYR A 55 -8.71 0.37 3.01
N TYR A 56 -7.77 0.31 2.07
CA TYR A 56 -6.44 -0.23 2.35
C TYR A 56 -5.37 0.87 2.35
N ASN A 57 -4.56 0.88 3.41
CA ASN A 57 -3.48 1.85 3.58
C ASN A 57 -2.18 1.09 3.85
N LEU A 58 -1.21 1.16 2.93
CA LEU A 58 0.04 0.42 3.13
C LEU A 58 1.29 1.17 2.66
N ILE A 59 2.44 0.71 3.18
CA ILE A 59 3.74 1.27 2.84
C ILE A 59 4.62 0.17 2.22
N LEU A 60 5.26 0.47 1.09
CA LEU A 60 6.10 -0.53 0.41
C LEU A 60 7.44 0.07 -0.05
N SER A 61 8.37 -0.81 -0.41
CA SER A 61 9.71 -0.40 -0.87
C SER A 61 9.77 -0.37 -2.40
N ALA A 62 10.38 0.69 -2.95
CA ALA A 62 10.50 0.85 -4.39
C ALA A 62 11.78 1.58 -4.80
N LYS A 63 12.38 1.13 -5.91
CA LYS A 63 13.60 1.72 -6.45
C LYS A 63 13.57 1.72 -7.98
N HIS A 64 14.48 2.48 -8.59
CA HIS A 64 14.57 2.58 -10.03
C HIS A 64 15.76 1.80 -10.61
N SER A 65 16.58 1.19 -9.73
CA SER A 65 17.73 0.41 -10.19
C SER A 65 18.07 -0.74 -9.25
N PRO A 66 18.56 -1.87 -9.83
CA PRO A 66 18.95 -3.06 -9.06
C PRO A 66 20.16 -2.81 -8.16
N HIS A 67 21.03 -1.88 -8.58
CA HIS A 67 22.23 -1.55 -7.82
C HIS A 67 22.03 -0.28 -6.98
N GLU A 68 20.79 0.16 -6.80
CA GLU A 68 20.51 1.36 -6.02
C GLU A 68 19.58 1.06 -4.84
N PHE A 69 19.49 2.02 -3.93
CA PHE A 69 18.68 1.90 -2.72
C PHE A 69 17.18 1.91 -3.01
N SER A 70 16.42 1.40 -2.03
CA SER A 70 14.96 1.36 -2.09
C SER A 70 14.39 2.23 -0.98
N LYS A 71 13.39 3.03 -1.30
CA LYS A 71 12.76 3.90 -0.31
C LYS A 71 11.33 3.45 -0.02
N PHE A 72 10.77 3.96 1.06
CA PHE A 72 9.41 3.60 1.45
C PHE A 72 8.40 4.55 0.80
N TYR A 73 7.19 4.06 0.61
CA TYR A 73 6.12 4.84 0.00
C TYR A 73 4.80 4.57 0.73
N ASN A 74 3.99 5.60 0.90
CA ASN A 74 2.68 5.49 1.56
C ASN A 74 1.57 5.71 0.54
N VAL A 75 0.74 4.70 0.34
CA VAL A 75 -0.35 4.80 -0.63
C VAL A 75 -1.70 4.36 -0.05
N VAL A 76 -2.76 4.96 -0.60
CA VAL A 76 -4.13 4.66 -0.20
C VAL A 76 -4.85 3.93 -1.32
N VAL A 77 -5.29 2.70 -1.05
CA VAL A 77 -5.98 1.91 -2.07
C VAL A 77 -7.42 1.59 -1.66
N LEU A 78 -8.30 1.56 -2.64
CA LEU A 78 -9.71 1.27 -2.42
C LEU A 78 -10.14 0.04 -3.21
N GLU A 79 -10.72 -0.93 -2.51
CA GLU A 79 -11.20 -2.18 -3.12
C GLU A 79 -12.66 -2.00 -3.55
N LYS A 80 -12.93 -2.14 -4.86
CA LYS A 80 -14.29 -1.97 -5.36
C LYS A 80 -14.80 -3.17 -6.17
N ALA A 81 -16.03 -3.58 -5.86
CA ALA A 81 -16.68 -4.68 -6.55
C ALA A 81 -17.42 -4.19 -7.78
N SER A 82 -18.02 -2.99 -7.67
CA SER A 82 -18.75 -2.38 -8.77
C SER A 82 -17.80 -2.09 -9.94
N ASP A 83 -16.58 -1.69 -9.62
CA ASP A 83 -15.56 -1.40 -10.63
C ASP A 83 -14.96 -2.70 -11.17
N ASN A 84 -15.17 -3.81 -10.44
CA ASN A 84 -14.66 -5.12 -10.83
C ASN A 84 -13.14 -5.25 -10.66
N SER A 85 -12.58 -4.54 -9.67
CA SER A 85 -11.14 -4.60 -9.42
C SER A 85 -10.72 -3.69 -8.26
N LEU A 86 -9.41 -3.46 -8.17
CA LEU A 86 -8.84 -2.61 -7.13
C LEU A 86 -8.68 -1.18 -7.66
N LYS A 87 -8.39 -0.24 -6.76
CA LYS A 87 -8.20 1.16 -7.17
C LYS A 87 -7.19 1.88 -6.29
N LEU A 88 -6.35 2.68 -6.92
CA LEU A 88 -5.34 3.45 -6.21
C LEU A 88 -5.84 4.88 -5.99
N VAL A 89 -6.15 5.21 -4.74
CA VAL A 89 -6.65 6.53 -4.38
C VAL A 89 -5.54 7.58 -4.40
N ALA A 90 -4.45 7.32 -3.66
CA ALA A 90 -3.34 8.26 -3.61
C ALA A 90 -1.99 7.55 -3.49
N PHE A 91 -0.97 8.14 -4.10
CA PHE A 91 0.40 7.59 -4.06
C PHE A 91 1.37 8.64 -3.54
N VAL A 92 2.00 8.35 -2.41
CA VAL A 92 2.93 9.29 -1.78
C VAL A 92 4.24 8.62 -1.37
N PRO A 93 5.37 9.34 -1.49
CA PRO A 93 6.69 8.81 -1.11
C PRO A 93 7.00 9.04 0.37
N LEU A 94 7.59 8.02 1.01
CA LEU A 94 7.95 8.11 2.42
C LEU A 94 9.44 8.46 2.61
N PHE A 95 9.99 9.23 1.67
CA PHE A 95 11.40 9.62 1.72
C PHE A 95 11.60 11.03 1.17
N GLY A 1 18.64 2.12 15.92
CA GLY A 1 17.73 2.43 14.77
C GLY A 1 16.32 2.78 15.23
N PRO A 2 15.46 1.77 15.46
CA PRO A 2 14.07 2.00 15.89
C PRO A 2 13.98 2.44 17.36
N GLY A 3 12.82 2.96 17.75
CA GLY A 3 12.62 3.42 19.11
C GLY A 3 11.84 4.72 19.20
N PRO A 4 10.50 4.64 19.29
CA PRO A 4 9.63 5.82 19.39
C PRO A 4 9.61 6.40 20.80
N ALA A 5 8.76 7.40 21.01
CA ALA A 5 8.63 8.05 22.30
C ALA A 5 7.25 7.79 22.91
N ILE A 6 6.21 8.37 22.30
CA ILE A 6 4.84 8.20 22.79
C ILE A 6 3.85 8.13 21.63
N GLY A 7 4.08 7.18 20.71
CA GLY A 7 3.21 7.01 19.57
C GLY A 7 3.08 5.57 19.13
N GLU A 8 1.84 5.11 18.91
CA GLU A 8 1.60 3.74 18.48
C GLU A 8 0.47 3.67 17.47
N VAL A 9 0.76 3.08 16.30
CA VAL A 9 -0.23 2.94 15.24
C VAL A 9 -0.39 1.47 14.83
N ILE A 10 -1.62 1.10 14.48
CA ILE A 10 -1.93 -0.27 14.10
C ILE A 10 -2.29 -0.37 12.61
N GLY A 11 -2.14 -1.58 12.06
CA GLY A 11 -2.45 -1.82 10.65
C GLY A 11 -2.66 -3.29 10.36
N ILE A 12 -2.63 -3.67 9.07
CA ILE A 12 -2.83 -5.06 8.70
C ILE A 12 -1.49 -5.75 8.39
N SER A 13 -1.54 -7.07 8.29
CA SER A 13 -0.35 -7.87 8.02
C SER A 13 -0.31 -8.30 6.56
N VAL A 14 0.89 -8.62 6.06
CA VAL A 14 1.03 -9.07 4.68
C VAL A 14 0.34 -10.43 4.52
N ASN A 15 0.18 -11.13 5.64
CA ASN A 15 -0.49 -12.43 5.65
C ASN A 15 -1.87 -12.34 5.01
N ASP A 16 -2.53 -11.19 5.21
CA ASP A 16 -3.85 -10.96 4.64
C ASP A 16 -3.81 -11.03 3.11
N PRO A 17 -4.47 -12.05 2.53
CA PRO A 17 -4.49 -12.27 1.07
C PRO A 17 -5.05 -11.09 0.27
N ARG A 18 -5.93 -10.30 0.88
CA ARG A 18 -6.50 -9.15 0.21
C ARG A 18 -5.50 -7.99 0.17
N VAL A 19 -4.91 -7.71 1.32
CA VAL A 19 -3.93 -6.63 1.47
C VAL A 19 -2.74 -6.83 0.53
N LYS A 20 -2.26 -8.06 0.41
CA LYS A 20 -1.11 -8.37 -0.45
C LYS A 20 -1.45 -8.21 -1.93
N GLU A 21 -2.65 -8.65 -2.32
CA GLU A 21 -3.07 -8.56 -3.71
C GLU A 21 -3.40 -7.12 -4.08
N ILE A 22 -4.05 -6.43 -3.15
CA ILE A 22 -4.42 -5.03 -3.36
C ILE A 22 -3.17 -4.15 -3.48
N ALA A 23 -2.17 -4.43 -2.64
CA ALA A 23 -0.90 -3.69 -2.68
C ALA A 23 -0.24 -3.83 -4.06
N GLU A 24 -0.17 -5.07 -4.54
CA GLU A 24 0.41 -5.38 -5.84
C GLU A 24 -0.21 -4.51 -6.93
N PHE A 25 -1.55 -4.52 -7.00
CA PHE A 25 -2.28 -3.73 -7.99
C PHE A 25 -1.91 -2.25 -7.87
N ALA A 26 -1.68 -1.80 -6.64
CA ALA A 26 -1.32 -0.40 -6.39
C ALA A 26 -0.06 -0.01 -7.15
N LEU A 27 0.98 -0.84 -7.04
CA LEU A 27 2.25 -0.58 -7.71
C LEU A 27 2.13 -0.71 -9.23
N LYS A 28 1.49 -1.80 -9.69
CA LYS A 28 1.32 -2.04 -11.12
C LYS A 28 0.35 -1.05 -11.78
N GLN A 29 -0.47 -0.36 -10.98
CA GLN A 29 -1.44 0.60 -11.51
C GLN A 29 -0.80 1.98 -11.71
N HIS A 30 0.09 2.37 -10.81
CA HIS A 30 0.74 3.67 -10.90
C HIS A 30 1.76 3.72 -12.05
N ALA A 31 3.06 3.63 -11.73
CA ALA A 31 4.10 3.66 -12.75
C ALA A 31 4.01 4.91 -13.64
N GLU A 32 3.65 6.04 -13.03
CA GLU A 32 3.52 7.31 -13.76
C GLU A 32 4.89 7.77 -14.27
N GLN A 33 5.92 7.54 -13.47
CA GLN A 33 7.29 7.91 -13.85
C GLN A 33 8.24 6.71 -13.81
N ASN A 34 7.66 5.51 -13.72
CA ASN A 34 8.42 4.26 -13.67
C ASN A 34 9.21 4.12 -12.37
N LEU A 35 8.56 3.58 -11.34
CA LEU A 35 9.19 3.36 -10.04
C LEU A 35 9.04 1.90 -9.64
N ILE A 36 9.91 1.45 -8.73
CA ILE A 36 9.90 0.05 -8.31
C ILE A 36 9.62 -0.10 -6.83
N LEU A 37 8.60 -0.89 -6.50
CA LEU A 37 8.24 -1.14 -5.12
C LEU A 37 8.98 -2.37 -4.60
N ALA A 38 9.89 -2.16 -3.66
CA ALA A 38 10.68 -3.23 -3.08
C ALA A 38 9.81 -4.23 -2.31
N GLY A 39 8.67 -3.77 -1.79
CA GLY A 39 7.79 -4.68 -1.06
C GLY A 39 6.79 -3.98 -0.16
N VAL A 40 5.80 -4.76 0.30
CA VAL A 40 4.76 -4.25 1.18
C VAL A 40 5.29 -4.10 2.62
N ASP A 41 4.94 -2.98 3.26
CA ASP A 41 5.37 -2.72 4.63
C ASP A 41 4.23 -2.90 5.63
N ALA A 42 3.24 -2.01 5.55
CA ALA A 42 2.07 -2.06 6.44
C ALA A 42 0.93 -1.22 5.87
N GLY A 43 -0.24 -1.28 6.50
CA GLY A 43 -1.37 -0.49 6.01
C GLY A 43 -2.55 -0.46 6.94
N GLN A 44 -3.69 -0.05 6.39
CA GLN A 44 -4.93 0.06 7.14
C GLN A 44 -6.14 -0.08 6.23
N ILE A 45 -7.14 -0.82 6.70
CA ILE A 45 -8.36 -1.05 5.93
C ILE A 45 -9.57 -0.42 6.60
N ILE A 46 -10.29 0.41 5.87
CA ILE A 46 -11.48 1.08 6.39
C ILE A 46 -12.75 0.51 5.76
N LYS A 47 -13.60 -0.08 6.61
CA LYS A 47 -14.84 -0.70 6.15
C LYS A 47 -16.03 -0.37 7.06
N GLY A 48 -17.23 -0.59 6.51
CA GLY A 48 -18.48 -0.39 7.23
C GLY A 48 -19.40 -1.56 6.98
N ILE A 49 -19.93 -1.61 5.75
CA ILE A 49 -20.77 -2.70 5.29
C ILE A 49 -20.06 -3.32 4.08
N PRO A 50 -19.55 -4.56 4.18
CA PRO A 50 -18.79 -5.15 3.09
C PRO A 50 -19.59 -5.76 1.96
N HIS A 51 -19.45 -5.12 0.81
CA HIS A 51 -20.04 -5.57 -0.43
C HIS A 51 -18.89 -5.78 -1.44
N TRP A 52 -17.68 -5.94 -0.87
CA TRP A 52 -16.45 -6.12 -1.64
C TRP A 52 -16.03 -4.81 -2.31
N ASP A 53 -16.34 -3.69 -1.62
CA ASP A 53 -15.97 -2.35 -2.07
C ASP A 53 -15.12 -1.66 -1.00
N ASN A 54 -14.42 -2.48 -0.20
CA ASN A 54 -13.59 -2.01 0.91
C ASN A 54 -12.52 -1.00 0.48
N TYR A 55 -12.21 -0.07 1.40
CA TYR A 55 -11.18 0.94 1.14
C TYR A 55 -9.86 0.53 1.80
N TYR A 56 -8.77 0.63 1.04
CA TYR A 56 -7.45 0.24 1.54
C TYR A 56 -6.47 1.42 1.55
N ASN A 57 -5.73 1.54 2.66
CA ASN A 57 -4.73 2.59 2.84
C ASN A 57 -3.43 1.96 3.33
N LEU A 58 -2.38 1.97 2.51
CA LEU A 58 -1.13 1.33 2.93
C LEU A 58 0.15 2.06 2.53
N ILE A 59 1.23 1.66 3.19
CA ILE A 59 2.57 2.20 2.95
C ILE A 59 3.53 1.06 2.59
N LEU A 60 4.39 1.28 1.60
CA LEU A 60 5.33 0.25 1.17
C LEU A 60 6.71 0.83 0.82
N SER A 61 7.69 -0.05 0.64
CA SER A 61 9.06 0.36 0.28
C SER A 61 9.23 0.37 -1.24
N ALA A 62 9.91 1.40 -1.76
CA ALA A 62 10.14 1.51 -3.21
C ALA A 62 11.35 2.35 -3.56
N LYS A 63 12.02 1.99 -4.65
CA LYS A 63 13.20 2.72 -5.13
C LYS A 63 13.30 2.61 -6.65
N HIS A 64 14.13 3.47 -7.25
CA HIS A 64 14.31 3.50 -8.70
C HIS A 64 15.61 2.82 -9.14
N SER A 65 16.43 2.37 -8.18
CA SER A 65 17.70 1.72 -8.52
C SER A 65 18.07 0.63 -7.52
N PRO A 66 18.70 -0.46 -8.00
CA PRO A 66 19.15 -1.57 -7.16
C PRO A 66 20.25 -1.14 -6.19
N HIS A 67 21.09 -0.20 -6.61
CA HIS A 67 22.19 0.30 -5.80
C HIS A 67 21.76 1.52 -4.96
N GLU A 68 20.45 1.74 -4.85
CA GLU A 68 19.94 2.87 -4.07
C GLU A 68 19.07 2.41 -2.90
N PHE A 69 18.80 3.34 -1.99
CA PHE A 69 18.00 3.08 -0.79
C PHE A 69 16.56 2.70 -1.13
N SER A 70 15.76 2.53 -0.08
CA SER A 70 14.34 2.20 -0.20
C SER A 70 13.56 3.15 0.69
N LYS A 71 12.62 3.87 0.10
CA LYS A 71 11.85 4.83 0.87
C LYS A 71 10.39 4.40 0.99
N PHE A 72 9.64 5.10 1.84
CA PHE A 72 8.24 4.78 2.09
C PHE A 72 7.31 5.57 1.18
N TYR A 73 6.17 4.96 0.84
CA TYR A 73 5.16 5.60 -0.01
C TYR A 73 3.77 5.22 0.46
N ASN A 74 2.86 6.18 0.50
CA ASN A 74 1.48 5.94 0.92
C ASN A 74 0.54 6.02 -0.27
N VAL A 75 -0.26 4.97 -0.44
CA VAL A 75 -1.20 4.89 -1.55
C VAL A 75 -2.62 4.57 -1.09
N VAL A 76 -3.58 5.15 -1.81
CA VAL A 76 -5.00 4.93 -1.54
C VAL A 76 -5.55 3.97 -2.59
N VAL A 77 -6.02 2.82 -2.13
CA VAL A 77 -6.54 1.79 -3.03
C VAL A 77 -8.01 1.49 -2.75
N LEU A 78 -8.79 1.40 -3.83
CA LEU A 78 -10.20 1.09 -3.75
C LEU A 78 -10.51 -0.22 -4.46
N GLU A 79 -11.12 -1.15 -3.73
CA GLU A 79 -11.49 -2.45 -4.28
C GLU A 79 -12.88 -2.39 -4.90
N LYS A 80 -13.01 -2.76 -6.19
CA LYS A 80 -14.31 -2.70 -6.86
C LYS A 80 -14.69 -4.02 -7.52
N ALA A 81 -16.00 -4.27 -7.59
CA ALA A 81 -16.55 -5.47 -8.21
C ALA A 81 -17.05 -5.18 -9.62
N SER A 82 -17.46 -3.92 -9.87
CA SER A 82 -17.95 -3.51 -11.19
C SER A 82 -16.93 -3.84 -12.28
N ASP A 83 -15.65 -3.56 -12.00
CA ASP A 83 -14.57 -3.85 -12.95
C ASP A 83 -13.94 -5.21 -12.67
N ASN A 84 -14.35 -5.85 -11.56
CA ASN A 84 -13.83 -7.16 -11.18
C ASN A 84 -12.31 -7.10 -10.94
N SER A 85 -11.88 -6.12 -10.13
CA SER A 85 -10.47 -5.96 -9.83
C SER A 85 -10.24 -4.85 -8.78
N LEU A 86 -9.01 -4.38 -8.70
CA LEU A 86 -8.63 -3.33 -7.75
C LEU A 86 -8.48 -2.01 -8.48
N LYS A 87 -8.33 -0.92 -7.73
CA LYS A 87 -8.18 0.40 -8.34
C LYS A 87 -7.31 1.32 -7.49
N LEU A 88 -6.18 1.75 -8.06
CA LEU A 88 -5.27 2.66 -7.36
C LEU A 88 -5.82 4.08 -7.45
N VAL A 89 -6.35 4.58 -6.34
CA VAL A 89 -6.94 5.92 -6.30
C VAL A 89 -5.87 7.01 -6.33
N ALA A 90 -4.91 6.94 -5.41
CA ALA A 90 -3.85 7.94 -5.36
C ALA A 90 -2.51 7.34 -4.96
N PHE A 91 -1.43 7.97 -5.44
CA PHE A 91 -0.08 7.53 -5.14
C PHE A 91 0.73 8.70 -4.58
N VAL A 92 1.23 8.54 -3.35
CA VAL A 92 1.99 9.60 -2.68
C VAL A 92 3.29 9.09 -2.08
N PRO A 93 4.37 9.88 -2.20
CA PRO A 93 5.67 9.53 -1.63
C PRO A 93 5.78 9.90 -0.16
N LEU A 94 6.31 9.00 0.65
CA LEU A 94 6.46 9.24 2.09
C LEU A 94 7.93 9.44 2.47
N PHE A 95 8.66 10.22 1.67
CA PHE A 95 10.07 10.49 1.94
C PHE A 95 10.39 11.97 1.75
N GLY A 1 1.78 8.39 19.24
CA GLY A 1 2.68 9.22 20.10
C GLY A 1 3.44 8.39 21.11
N PRO A 2 2.85 8.17 22.31
CA PRO A 2 3.49 7.38 23.38
C PRO A 2 3.61 5.89 23.03
N GLY A 3 4.43 5.18 23.79
CA GLY A 3 4.62 3.75 23.55
C GLY A 3 6.08 3.37 23.34
N PRO A 4 6.49 3.15 22.08
CA PRO A 4 7.87 2.79 21.75
C PRO A 4 8.77 4.00 21.60
N ALA A 5 10.07 3.74 21.43
CA ALA A 5 11.06 4.80 21.26
C ALA A 5 11.72 4.75 19.88
N ILE A 6 11.81 3.56 19.29
CA ILE A 6 12.41 3.38 17.98
C ILE A 6 11.36 3.00 16.93
N GLY A 7 10.61 1.92 17.20
CA GLY A 7 9.60 1.48 16.26
C GLY A 7 8.56 0.58 16.91
N GLU A 8 7.47 0.33 16.17
CA GLU A 8 6.38 -0.52 16.66
C GLU A 8 5.74 -1.30 15.52
N VAL A 9 4.91 -2.28 15.88
CA VAL A 9 4.22 -3.10 14.89
C VAL A 9 2.77 -2.67 14.74
N ILE A 10 2.45 -2.07 13.60
CA ILE A 10 1.10 -1.60 13.31
C ILE A 10 0.74 -1.79 11.84
N GLY A 11 -0.54 -2.04 11.57
CA GLY A 11 -1.00 -2.24 10.21
C GLY A 11 -1.37 -3.69 9.93
N ILE A 12 -1.63 -3.99 8.66
CA ILE A 12 -2.01 -5.35 8.28
C ILE A 12 -0.80 -6.14 7.77
N SER A 13 -0.95 -7.46 7.78
CA SER A 13 0.11 -8.36 7.31
C SER A 13 -0.01 -8.64 5.82
N VAL A 14 1.11 -8.96 5.18
CA VAL A 14 1.11 -9.27 3.76
C VAL A 14 0.31 -10.56 3.51
N ASN A 15 0.18 -11.37 4.56
CA ASN A 15 -0.57 -12.62 4.49
C ASN A 15 -1.98 -12.38 3.95
N ASP A 16 -2.56 -11.23 4.32
CA ASP A 16 -3.89 -10.86 3.89
C ASP A 16 -3.95 -10.76 2.35
N PRO A 17 -4.73 -11.66 1.71
CA PRO A 17 -4.85 -11.71 0.24
C PRO A 17 -5.38 -10.42 -0.40
N ARG A 18 -6.20 -9.67 0.33
CA ARG A 18 -6.75 -8.42 -0.20
C ARG A 18 -5.70 -7.32 -0.15
N VAL A 19 -4.99 -7.26 0.96
CA VAL A 19 -3.93 -6.27 1.16
C VAL A 19 -2.81 -6.44 0.14
N LYS A 20 -2.42 -7.68 -0.12
CA LYS A 20 -1.35 -7.99 -1.08
C LYS A 20 -1.78 -7.72 -2.53
N GLU A 21 -3.04 -8.01 -2.85
CA GLU A 21 -3.55 -7.80 -4.21
C GLU A 21 -3.81 -6.32 -4.47
N ILE A 22 -4.31 -5.64 -3.45
CA ILE A 22 -4.60 -4.22 -3.54
C ILE A 22 -3.32 -3.37 -3.49
N ALA A 23 -2.31 -3.84 -2.74
CA ALA A 23 -1.02 -3.14 -2.66
C ALA A 23 -0.27 -3.23 -3.98
N GLU A 24 -0.14 -4.45 -4.51
CA GLU A 24 0.53 -4.68 -5.77
C GLU A 24 -0.14 -3.84 -6.85
N PHE A 25 -1.49 -3.83 -6.85
CA PHE A 25 -2.24 -3.03 -7.81
C PHE A 25 -1.82 -1.57 -7.71
N ALA A 26 -1.59 -1.12 -6.48
CA ALA A 26 -1.18 0.27 -6.23
C ALA A 26 0.10 0.60 -7.00
N LEU A 27 1.09 -0.30 -6.93
CA LEU A 27 2.37 -0.10 -7.63
C LEU A 27 2.21 -0.19 -9.15
N LYS A 28 1.47 -1.19 -9.62
CA LYS A 28 1.25 -1.41 -11.05
C LYS A 28 0.32 -0.36 -11.68
N GLN A 29 -0.44 0.37 -10.86
CA GLN A 29 -1.36 1.39 -11.37
C GLN A 29 -0.65 2.72 -11.61
N HIS A 30 0.27 3.08 -10.71
CA HIS A 30 1.02 4.32 -10.86
C HIS A 30 2.37 4.04 -11.48
N ALA A 31 2.67 4.73 -12.58
CA ALA A 31 3.93 4.54 -13.28
C ALA A 31 4.24 5.71 -14.23
N GLU A 32 3.95 6.93 -13.77
CA GLU A 32 4.20 8.13 -14.56
C GLU A 32 5.67 8.54 -14.52
N GLN A 33 6.30 8.38 -13.36
CA GLN A 33 7.70 8.73 -13.17
C GLN A 33 8.63 7.54 -13.35
N ASN A 34 8.06 6.33 -13.31
CA ASN A 34 8.81 5.08 -13.48
C ASN A 34 9.67 4.77 -12.26
N LEU A 35 9.11 4.01 -11.32
CA LEU A 35 9.81 3.60 -10.12
C LEU A 35 9.47 2.15 -9.76
N ILE A 36 10.29 1.54 -8.92
CA ILE A 36 10.09 0.13 -8.57
C ILE A 36 9.86 -0.07 -7.07
N LEU A 37 8.75 -0.71 -6.74
CA LEU A 37 8.42 -0.99 -5.35
C LEU A 37 9.13 -2.26 -4.88
N ALA A 38 9.99 -2.11 -3.87
CA ALA A 38 10.74 -3.23 -3.32
C ALA A 38 9.80 -4.24 -2.67
N GLY A 39 8.68 -3.74 -2.13
CA GLY A 39 7.72 -4.64 -1.49
C GLY A 39 6.86 -3.98 -0.44
N VAL A 40 5.79 -4.68 -0.04
CA VAL A 40 4.87 -4.18 0.97
C VAL A 40 5.55 -4.15 2.34
N ASP A 41 5.44 -3.01 3.03
CA ASP A 41 6.07 -2.84 4.34
C ASP A 41 5.02 -2.78 5.45
N ALA A 42 4.09 -1.83 5.33
CA ALA A 42 3.03 -1.67 6.33
C ALA A 42 1.77 -1.14 5.67
N GLY A 43 0.61 -1.42 6.28
CA GLY A 43 -0.64 -0.96 5.69
C GLY A 43 -1.74 -0.74 6.69
N GLN A 44 -2.85 -0.19 6.19
CA GLN A 44 -4.02 0.10 7.00
C GLN A 44 -5.28 -0.07 6.15
N ILE A 45 -6.43 -0.25 6.80
CA ILE A 45 -7.68 -0.43 6.08
C ILE A 45 -8.85 0.23 6.82
N ILE A 46 -9.64 1.02 6.09
CA ILE A 46 -10.80 1.69 6.68
C ILE A 46 -12.09 1.05 6.20
N LYS A 47 -12.83 0.46 7.15
CA LYS A 47 -14.08 -0.23 6.84
C LYS A 47 -15.19 0.10 7.86
N GLY A 48 -16.41 -0.19 7.44
CA GLY A 48 -17.59 0.01 8.28
C GLY A 48 -18.61 -1.08 7.98
N ILE A 49 -19.44 -0.83 6.98
CA ILE A 49 -20.41 -1.82 6.52
C ILE A 49 -19.85 -2.38 5.21
N PRO A 50 -19.39 -3.64 5.21
CA PRO A 50 -18.75 -4.23 4.03
C PRO A 50 -19.67 -4.74 2.94
N HIS A 51 -19.56 -4.08 1.80
CA HIS A 51 -20.26 -4.44 0.57
C HIS A 51 -19.20 -4.72 -0.50
N TRP A 52 -17.98 -4.99 -0.02
CA TRP A 52 -16.80 -5.23 -0.84
C TRP A 52 -16.29 -3.96 -1.52
N ASP A 53 -16.38 -2.86 -0.76
CA ASP A 53 -15.90 -1.54 -1.21
C ASP A 53 -14.85 -1.02 -0.21
N ASN A 54 -14.17 -1.94 0.46
CA ASN A 54 -13.16 -1.63 1.47
C ASN A 54 -12.13 -0.61 0.97
N TYR A 55 -11.80 0.36 1.83
CA TYR A 55 -10.82 1.39 1.48
C TYR A 55 -9.47 1.04 2.10
N TYR A 56 -8.44 1.00 1.25
CA TYR A 56 -7.09 0.62 1.69
C TYR A 56 -6.12 1.81 1.71
N ASN A 57 -5.23 1.79 2.70
CA ASN A 57 -4.20 2.82 2.88
C ASN A 57 -2.92 2.16 3.39
N LEU A 58 -1.86 2.13 2.57
CA LEU A 58 -0.62 1.47 3.00
C LEU A 58 0.65 2.23 2.64
N ILE A 59 1.75 1.76 3.23
CA ILE A 59 3.09 2.32 3.02
C ILE A 59 4.05 1.21 2.58
N LEU A 60 4.66 1.34 1.41
CA LEU A 60 5.59 0.33 0.92
C LEU A 60 6.93 0.95 0.52
N SER A 61 7.95 0.10 0.37
CA SER A 61 9.29 0.55 0.00
C SER A 61 9.49 0.45 -1.51
N ALA A 62 10.20 1.43 -2.09
CA ALA A 62 10.46 1.47 -3.52
C ALA A 62 11.75 2.21 -3.86
N LYS A 63 12.41 1.76 -4.93
CA LYS A 63 13.65 2.35 -5.41
C LYS A 63 13.78 2.20 -6.92
N HIS A 64 14.70 2.97 -7.50
CA HIS A 64 14.93 2.93 -8.95
C HIS A 64 16.06 1.96 -9.33
N SER A 65 16.82 1.50 -8.33
CA SER A 65 17.93 0.59 -8.59
C SER A 65 18.18 -0.37 -7.42
N PRO A 66 18.54 -1.62 -7.73
CA PRO A 66 18.81 -2.67 -6.73
C PRO A 66 20.06 -2.40 -5.88
N HIS A 67 20.96 -1.58 -6.41
CA HIS A 67 22.20 -1.26 -5.71
C HIS A 67 22.06 -0.02 -4.81
N GLU A 68 20.85 0.55 -4.73
CA GLU A 68 20.64 1.73 -3.90
C GLU A 68 19.48 1.57 -2.92
N PHE A 69 19.41 2.50 -1.97
CA PHE A 69 18.38 2.51 -0.92
C PHE A 69 16.95 2.46 -1.45
N SER A 70 16.02 2.20 -0.53
CA SER A 70 14.60 2.15 -0.82
C SER A 70 13.87 3.11 0.12
N LYS A 71 12.95 3.91 -0.42
CA LYS A 71 12.22 4.88 0.40
C LYS A 71 10.76 4.46 0.60
N PHE A 72 10.09 5.15 1.52
CA PHE A 72 8.69 4.85 1.84
C PHE A 72 7.74 5.63 0.95
N TYR A 73 6.56 5.06 0.73
CA TYR A 73 5.52 5.70 -0.08
C TYR A 73 4.15 5.41 0.53
N ASN A 74 3.30 6.43 0.55
CA ASN A 74 1.94 6.31 1.08
C ASN A 74 0.94 6.42 -0.07
N VAL A 75 0.14 5.37 -0.26
CA VAL A 75 -0.84 5.35 -1.33
C VAL A 75 -2.22 4.92 -0.83
N VAL A 76 -3.25 5.44 -1.48
CA VAL A 76 -4.63 5.12 -1.16
C VAL A 76 -5.22 4.25 -2.27
N VAL A 77 -5.84 3.13 -1.88
CA VAL A 77 -6.43 2.22 -2.86
C VAL A 77 -7.88 1.87 -2.51
N LEU A 78 -8.67 1.67 -3.55
CA LEU A 78 -10.07 1.32 -3.39
C LEU A 78 -10.37 -0.05 -4.00
N GLU A 79 -10.95 -0.93 -3.20
CA GLU A 79 -11.28 -2.29 -3.63
C GLU A 79 -12.69 -2.30 -4.25
N LYS A 80 -12.81 -2.85 -5.47
CA LYS A 80 -14.10 -2.90 -6.15
C LYS A 80 -14.49 -4.30 -6.57
N ALA A 81 -15.73 -4.69 -6.22
CA ALA A 81 -16.26 -5.99 -6.59
C ALA A 81 -16.96 -5.93 -7.95
N SER A 82 -17.62 -4.80 -8.22
CA SER A 82 -18.31 -4.59 -9.49
C SER A 82 -17.33 -4.65 -10.67
N ASP A 83 -16.11 -4.14 -10.45
CA ASP A 83 -15.09 -4.16 -11.49
C ASP A 83 -14.24 -5.43 -11.41
N ASN A 84 -14.45 -6.24 -10.35
CA ASN A 84 -13.72 -7.48 -10.15
C ASN A 84 -12.21 -7.25 -10.15
N SER A 85 -11.77 -6.26 -9.39
CA SER A 85 -10.36 -5.93 -9.30
C SER A 85 -10.11 -4.84 -8.27
N LEU A 86 -8.88 -4.32 -8.27
CA LEU A 86 -8.48 -3.25 -7.36
C LEU A 86 -8.40 -1.93 -8.10
N LYS A 87 -8.28 -0.83 -7.36
CA LYS A 87 -8.20 0.49 -7.98
C LYS A 87 -7.32 1.43 -7.18
N LEU A 88 -6.41 2.12 -7.86
CA LEU A 88 -5.51 3.07 -7.23
C LEU A 88 -6.19 4.43 -7.12
N VAL A 89 -6.32 4.94 -5.89
CA VAL A 89 -6.96 6.23 -5.66
C VAL A 89 -5.96 7.37 -5.83
N ALA A 90 -4.84 7.30 -5.09
CA ALA A 90 -3.81 8.33 -5.16
C ALA A 90 -2.47 7.81 -4.63
N PHE A 91 -1.39 8.08 -5.36
CA PHE A 91 -0.05 7.64 -4.96
C PHE A 91 0.78 8.82 -4.46
N VAL A 92 1.34 8.67 -3.25
CA VAL A 92 2.13 9.73 -2.63
C VAL A 92 3.45 9.18 -2.07
N PRO A 93 4.53 9.99 -2.08
CA PRO A 93 5.85 9.58 -1.58
C PRO A 93 6.06 9.95 -0.11
N LEU A 94 6.65 9.03 0.65
CA LEU A 94 6.92 9.26 2.08
C LEU A 94 8.38 9.68 2.30
N PHE A 95 9.00 10.31 1.30
CA PHE A 95 10.38 10.75 1.39
C PHE A 95 10.59 12.10 0.73
N GLY A 1 14.17 12.72 15.85
CA GLY A 1 13.19 12.45 14.75
C GLY A 1 12.26 11.29 15.05
N PRO A 2 12.74 10.04 14.92
CA PRO A 2 11.94 8.84 15.18
C PRO A 2 11.59 8.69 16.66
N GLY A 3 10.31 8.40 16.94
CA GLY A 3 9.86 8.23 18.31
C GLY A 3 8.35 8.24 18.44
N PRO A 4 7.77 7.25 19.13
CA PRO A 4 6.31 7.15 19.33
C PRO A 4 5.81 8.00 20.50
N ALA A 5 4.49 8.02 20.68
CA ALA A 5 3.88 8.79 21.77
C ALA A 5 2.84 7.95 22.52
N ILE A 6 1.99 7.25 21.77
CA ILE A 6 0.94 6.41 22.35
C ILE A 6 1.45 4.99 22.60
N GLY A 7 2.25 4.46 21.67
CA GLY A 7 2.79 3.11 21.82
C GLY A 7 3.25 2.52 20.50
N GLU A 8 2.84 1.28 20.24
CA GLU A 8 3.22 0.59 19.01
C GLU A 8 2.01 0.01 18.31
N VAL A 9 1.96 0.16 16.99
CA VAL A 9 0.85 -0.35 16.18
C VAL A 9 1.36 -1.26 15.07
N ILE A 10 0.60 -2.32 14.78
CA ILE A 10 0.97 -3.28 13.75
C ILE A 10 -0.01 -3.25 12.58
N GLY A 11 0.44 -3.77 11.43
CA GLY A 11 -0.40 -3.81 10.24
C GLY A 11 -0.82 -5.22 9.88
N ILE A 12 -1.18 -5.45 8.61
CA ILE A 12 -1.62 -6.77 8.18
C ILE A 12 -0.46 -7.55 7.53
N SER A 13 -0.67 -8.86 7.33
CA SER A 13 0.37 -9.72 6.75
C SER A 13 0.24 -9.81 5.22
N VAL A 14 1.39 -10.01 4.56
CA VAL A 14 1.43 -10.15 3.11
C VAL A 14 0.69 -11.42 2.68
N ASN A 15 0.52 -12.34 3.63
CA ASN A 15 -0.17 -13.59 3.37
C ASN A 15 -1.58 -13.34 2.84
N ASP A 16 -2.25 -12.32 3.37
CA ASP A 16 -3.61 -11.97 2.96
C ASP A 16 -3.66 -11.68 1.45
N PRO A 17 -4.36 -12.54 0.68
CA PRO A 17 -4.48 -12.41 -0.78
C PRO A 17 -5.05 -11.06 -1.24
N ARG A 18 -5.85 -10.41 -0.41
CA ARG A 18 -6.44 -9.12 -0.77
C ARG A 18 -5.43 -7.99 -0.58
N VAL A 19 -4.65 -8.08 0.49
CA VAL A 19 -3.63 -7.09 0.81
C VAL A 19 -2.51 -7.12 -0.22
N LYS A 20 -2.10 -8.32 -0.63
CA LYS A 20 -1.02 -8.48 -1.63
C LYS A 20 -1.48 -8.12 -3.04
N GLU A 21 -2.74 -8.39 -3.36
CA GLU A 21 -3.28 -8.09 -4.68
C GLU A 21 -3.59 -6.61 -4.82
N ILE A 22 -4.08 -6.02 -3.73
CA ILE A 22 -4.43 -4.61 -3.71
C ILE A 22 -3.16 -3.74 -3.61
N ALA A 23 -2.13 -4.27 -2.95
CA ALA A 23 -0.84 -3.57 -2.82
C ALA A 23 -0.14 -3.51 -4.17
N GLU A 24 -0.01 -4.68 -4.81
CA GLU A 24 0.63 -4.78 -6.12
C GLU A 24 -0.06 -3.85 -7.11
N PHE A 25 -1.40 -3.91 -7.12
CA PHE A 25 -2.18 -3.04 -8.01
C PHE A 25 -1.82 -1.58 -7.76
N ALA A 26 -1.59 -1.24 -6.49
CA ALA A 26 -1.22 0.12 -6.11
C ALA A 26 0.02 0.59 -6.88
N LEU A 27 1.09 -0.22 -6.84
CA LEU A 27 2.35 0.12 -7.52
C LEU A 27 2.15 0.25 -9.04
N LYS A 28 1.44 -0.71 -9.64
CA LYS A 28 1.21 -0.72 -11.09
C LYS A 28 0.22 0.36 -11.55
N GLN A 29 -0.57 0.92 -10.62
CA GLN A 29 -1.55 1.95 -10.97
C GLN A 29 -0.90 3.33 -11.07
N HIS A 30 0.05 3.62 -10.16
CA HIS A 30 0.74 4.90 -10.16
C HIS A 30 2.18 4.73 -10.64
N ALA A 31 2.58 5.54 -11.60
CA ALA A 31 3.93 5.47 -12.16
C ALA A 31 4.22 6.65 -13.08
N GLU A 32 3.78 7.84 -12.67
CA GLU A 32 3.99 9.05 -13.45
C GLU A 32 5.48 9.39 -13.55
N GLN A 33 6.21 9.15 -12.47
CA GLN A 33 7.66 9.42 -12.43
C GLN A 33 8.47 8.13 -12.62
N ASN A 34 7.80 7.03 -12.98
CA ASN A 34 8.44 5.74 -13.23
C ASN A 34 9.32 5.30 -12.05
N LEU A 35 8.71 4.61 -11.09
CA LEU A 35 9.42 4.11 -9.91
C LEU A 35 9.18 2.62 -9.72
N ILE A 36 10.08 1.95 -9.01
CA ILE A 36 9.96 0.52 -8.80
C ILE A 36 9.79 0.15 -7.33
N LEU A 37 8.72 -0.56 -7.02
CA LEU A 37 8.47 -0.99 -5.65
C LEU A 37 9.09 -2.36 -5.41
N ALA A 38 10.09 -2.42 -4.55
CA ALA A 38 10.79 -3.67 -4.23
C ALA A 38 9.87 -4.67 -3.55
N GLY A 39 8.86 -4.18 -2.81
CA GLY A 39 7.95 -5.10 -2.15
C GLY A 39 7.11 -4.46 -1.06
N VAL A 40 6.12 -5.22 -0.60
CA VAL A 40 5.21 -4.79 0.46
C VAL A 40 5.88 -4.85 1.84
N ASP A 41 5.68 -3.82 2.65
CA ASP A 41 6.28 -3.76 3.99
C ASP A 41 5.21 -4.06 5.05
N ALA A 42 4.23 -3.16 5.15
CA ALA A 42 3.14 -3.30 6.13
C ALA A 42 1.92 -2.51 5.65
N GLY A 43 0.78 -2.68 6.33
CA GLY A 43 -0.41 -1.97 5.93
C GLY A 43 -1.53 -1.98 6.94
N GLN A 44 -2.66 -1.43 6.53
CA GLN A 44 -3.84 -1.33 7.38
C GLN A 44 -5.13 -1.34 6.54
N ILE A 45 -6.16 -1.98 7.06
CA ILE A 45 -7.44 -2.06 6.38
C ILE A 45 -8.55 -1.47 7.26
N ILE A 46 -9.28 -0.50 6.72
CA ILE A 46 -10.36 0.15 7.46
C ILE A 46 -11.73 -0.30 6.93
N LYS A 47 -12.51 -0.93 7.82
CA LYS A 47 -13.83 -1.44 7.47
C LYS A 47 -14.88 -1.14 8.53
N GLY A 48 -16.14 -1.27 8.12
CA GLY A 48 -17.29 -1.08 8.99
C GLY A 48 -18.40 -2.00 8.53
N ILE A 49 -18.90 -1.70 7.33
CA ILE A 49 -19.92 -2.52 6.67
C ILE A 49 -19.29 -2.96 5.34
N PRO A 50 -18.93 -4.24 5.20
CA PRO A 50 -18.25 -4.72 4.01
C PRO A 50 -19.14 -5.21 2.88
N HIS A 51 -19.04 -4.51 1.76
CA HIS A 51 -19.71 -4.86 0.52
C HIS A 51 -18.64 -5.05 -0.55
N TRP A 52 -17.41 -5.35 -0.08
CA TRP A 52 -16.23 -5.54 -0.91
C TRP A 52 -15.73 -4.20 -1.46
N ASP A 53 -15.93 -3.14 -0.66
CA ASP A 53 -15.48 -1.79 -0.99
C ASP A 53 -14.54 -1.28 0.12
N ASN A 54 -13.88 -2.23 0.80
CA ASN A 54 -12.97 -1.93 1.91
C ASN A 54 -11.87 -0.95 1.51
N TYR A 55 -11.34 -0.20 2.49
CA TYR A 55 -10.28 0.77 2.21
C TYR A 55 -8.92 0.25 2.67
N TYR A 56 -7.97 0.18 1.73
CA TYR A 56 -6.61 -0.31 2.03
C TYR A 56 -5.60 0.84 2.16
N ASN A 57 -4.80 0.77 3.23
CA ASN A 57 -3.77 1.78 3.50
C ASN A 57 -2.46 1.07 3.84
N LEU A 58 -1.44 1.15 2.99
CA LEU A 58 -0.19 0.44 3.27
C LEU A 58 1.07 1.23 2.91
N ILE A 59 2.20 0.72 3.42
CA ILE A 59 3.52 1.30 3.17
C ILE A 59 4.44 0.23 2.58
N LEU A 60 5.10 0.56 1.47
CA LEU A 60 6.00 -0.40 0.81
C LEU A 60 7.35 0.24 0.49
N SER A 61 8.32 -0.60 0.10
CA SER A 61 9.66 -0.13 -0.26
C SER A 61 9.80 -0.07 -1.77
N ALA A 62 10.37 1.04 -2.27
CA ALA A 62 10.56 1.25 -3.71
C ALA A 62 11.84 2.02 -4.02
N LYS A 63 12.53 1.60 -5.09
CA LYS A 63 13.77 2.23 -5.53
C LYS A 63 13.81 2.33 -7.06
N HIS A 64 14.74 3.13 -7.56
CA HIS A 64 14.89 3.34 -9.00
C HIS A 64 15.91 2.37 -9.61
N SER A 65 16.74 1.76 -8.76
CA SER A 65 17.76 0.83 -9.24
C SER A 65 18.06 -0.26 -8.21
N PRO A 66 18.52 -1.44 -8.67
CA PRO A 66 18.86 -2.57 -7.78
C PRO A 66 20.02 -2.23 -6.85
N HIS A 67 20.94 -1.38 -7.33
CA HIS A 67 22.09 -0.96 -6.54
C HIS A 67 21.84 0.38 -5.84
N GLU A 68 20.58 0.81 -5.79
CA GLU A 68 20.21 2.06 -5.15
C GLU A 68 19.33 1.84 -3.92
N PHE A 69 19.17 2.89 -3.13
CA PHE A 69 18.37 2.82 -1.91
C PHE A 69 16.88 2.74 -2.18
N SER A 70 16.18 2.12 -1.24
CA SER A 70 14.73 1.97 -1.32
C SER A 70 14.09 2.74 -0.18
N LYS A 71 13.05 3.51 -0.50
CA LYS A 71 12.36 4.31 0.49
C LYS A 71 10.93 3.81 0.69
N PHE A 72 10.31 4.25 1.77
CA PHE A 72 8.93 3.83 2.07
C PHE A 72 7.94 4.77 1.40
N TYR A 73 6.78 4.21 1.04
CA TYR A 73 5.74 4.99 0.38
C TYR A 73 4.37 4.59 0.95
N ASN A 74 3.50 5.57 1.14
CA ASN A 74 2.17 5.33 1.67
C ASN A 74 1.13 5.52 0.58
N VAL A 75 0.43 4.42 0.25
CA VAL A 75 -0.57 4.44 -0.80
C VAL A 75 -1.96 4.08 -0.28
N VAL A 76 -2.97 4.75 -0.82
CA VAL A 76 -4.37 4.49 -0.46
C VAL A 76 -5.06 3.77 -1.60
N VAL A 77 -5.57 2.57 -1.34
CA VAL A 77 -6.23 1.79 -2.39
C VAL A 77 -7.65 1.41 -2.02
N LEU A 78 -8.50 1.36 -3.04
CA LEU A 78 -9.90 1.00 -2.87
C LEU A 78 -10.22 -0.24 -3.69
N GLU A 79 -10.77 -1.25 -3.01
CA GLU A 79 -11.14 -2.51 -3.64
C GLU A 79 -12.57 -2.41 -4.19
N LYS A 80 -12.75 -2.68 -5.49
CA LYS A 80 -14.07 -2.57 -6.11
C LYS A 80 -14.50 -3.88 -6.76
N ALA A 81 -15.78 -4.22 -6.56
CA ALA A 81 -16.37 -5.41 -7.15
C ALA A 81 -17.10 -5.03 -8.43
N SER A 82 -17.57 -3.78 -8.49
CA SER A 82 -18.29 -3.26 -9.65
C SER A 82 -17.43 -3.34 -10.92
N ASP A 83 -16.14 -3.00 -10.80
CA ASP A 83 -15.23 -3.06 -11.95
C ASP A 83 -14.39 -4.34 -11.95
N ASN A 84 -14.73 -5.28 -11.04
CA ASN A 84 -14.01 -6.56 -10.94
C ASN A 84 -12.49 -6.35 -10.91
N SER A 85 -12.00 -5.56 -9.95
CA SER A 85 -10.57 -5.30 -9.83
C SER A 85 -10.28 -4.34 -8.68
N LEU A 86 -9.00 -4.00 -8.53
CA LEU A 86 -8.54 -3.09 -7.49
C LEU A 86 -8.48 -1.67 -8.04
N LYS A 87 -8.34 -0.67 -7.16
CA LYS A 87 -8.26 0.72 -7.60
C LYS A 87 -7.36 1.54 -6.69
N LEU A 88 -6.39 2.23 -7.28
CA LEU A 88 -5.45 3.06 -6.53
C LEU A 88 -6.04 4.46 -6.34
N VAL A 89 -6.32 4.81 -5.09
CA VAL A 89 -6.88 6.12 -4.75
C VAL A 89 -5.84 7.23 -4.86
N ALA A 90 -4.71 7.05 -4.15
CA ALA A 90 -3.64 8.04 -4.18
C ALA A 90 -2.30 7.44 -3.75
N PHE A 91 -1.23 7.92 -4.39
CA PHE A 91 0.13 7.45 -4.08
C PHE A 91 0.93 8.59 -3.45
N VAL A 92 1.53 8.32 -2.29
CA VAL A 92 2.30 9.32 -1.57
C VAL A 92 3.67 8.79 -1.12
N PRO A 93 4.73 9.62 -1.23
CA PRO A 93 6.08 9.24 -0.82
C PRO A 93 6.30 9.40 0.69
N LEU A 94 6.98 8.43 1.29
CA LEU A 94 7.25 8.46 2.73
C LEU A 94 8.74 8.77 3.01
N PHE A 95 9.40 9.46 2.08
CA PHE A 95 10.80 9.81 2.25
C PHE A 95 11.03 11.32 2.13
N GLY A 1 -9.17 6.43 19.97
CA GLY A 1 -7.96 5.85 19.31
C GLY A 1 -6.68 6.52 19.77
N PRO A 2 -6.06 6.03 20.86
CA PRO A 2 -4.81 6.60 21.38
C PRO A 2 -3.58 6.14 20.61
N GLY A 3 -2.69 7.08 20.31
CA GLY A 3 -1.48 6.76 19.57
C GLY A 3 -0.21 7.13 20.33
N PRO A 4 0.89 6.40 20.11
CA PRO A 4 2.17 6.66 20.77
C PRO A 4 3.05 7.64 20.00
N ALA A 5 4.07 8.16 20.68
CA ALA A 5 5.00 9.09 20.06
C ALA A 5 6.34 8.43 19.78
N ILE A 6 6.86 7.71 20.78
CA ILE A 6 8.13 7.01 20.65
C ILE A 6 7.98 5.52 20.99
N GLY A 7 6.81 4.96 20.69
CA GLY A 7 6.56 3.56 20.97
C GLY A 7 6.87 2.66 19.80
N GLU A 8 5.88 1.86 19.37
CA GLU A 8 6.06 0.95 18.25
C GLU A 8 4.90 1.02 17.27
N VAL A 9 5.20 0.88 15.98
CA VAL A 9 4.18 0.92 14.93
C VAL A 9 3.84 -0.49 14.45
N ILE A 10 2.56 -0.70 14.15
CA ILE A 10 2.10 -2.02 13.70
C ILE A 10 1.22 -1.92 12.45
N GLY A 11 1.26 -2.99 11.64
CA GLY A 11 0.48 -3.05 10.42
C GLY A 11 0.03 -4.47 10.11
N ILE A 12 -0.36 -4.74 8.86
CA ILE A 12 -0.80 -6.09 8.50
C ILE A 12 0.32 -6.90 7.85
N SER A 13 0.08 -8.21 7.74
CA SER A 13 1.04 -9.13 7.15
C SER A 13 0.81 -9.28 5.65
N VAL A 14 1.89 -9.64 4.93
CA VAL A 14 1.80 -9.85 3.48
C VAL A 14 0.88 -11.05 3.19
N ASN A 15 0.76 -11.92 4.20
CA ASN A 15 -0.09 -13.11 4.10
C ASN A 15 -1.50 -12.74 3.63
N ASP A 16 -1.99 -11.60 4.09
CA ASP A 16 -3.31 -11.11 3.72
C ASP A 16 -3.43 -10.95 2.20
N PRO A 17 -4.27 -11.79 1.56
CA PRO A 17 -4.47 -11.78 0.09
C PRO A 17 -4.95 -10.42 -0.45
N ARG A 18 -5.67 -9.65 0.36
CA ARG A 18 -6.15 -8.34 -0.07
C ARG A 18 -5.03 -7.33 -0.05
N VAL A 19 -4.26 -7.34 1.03
CA VAL A 19 -3.14 -6.44 1.20
C VAL A 19 -2.10 -6.63 0.10
N LYS A 20 -1.81 -7.88 -0.24
CA LYS A 20 -0.83 -8.21 -1.28
C LYS A 20 -1.34 -7.86 -2.68
N GLU A 21 -2.63 -8.08 -2.94
CA GLU A 21 -3.21 -7.80 -4.24
C GLU A 21 -3.45 -6.30 -4.43
N ILE A 22 -3.86 -5.64 -3.35
CA ILE A 22 -4.13 -4.23 -3.39
C ILE A 22 -2.83 -3.41 -3.42
N ALA A 23 -1.77 -3.94 -2.79
CA ALA A 23 -0.46 -3.28 -2.79
C ALA A 23 0.16 -3.36 -4.19
N GLU A 24 0.24 -4.58 -4.72
CA GLU A 24 0.77 -4.80 -6.05
C GLU A 24 0.03 -3.94 -7.06
N PHE A 25 -1.31 -3.87 -6.90
CA PHE A 25 -2.14 -3.05 -7.78
C PHE A 25 -1.71 -1.60 -7.69
N ALA A 26 -1.35 -1.17 -6.48
CA ALA A 26 -0.90 0.20 -6.26
C ALA A 26 0.31 0.54 -7.13
N LEU A 27 1.27 -0.39 -7.20
CA LEU A 27 2.48 -0.18 -8.01
C LEU A 27 2.16 -0.19 -9.51
N LYS A 28 1.40 -1.20 -9.96
CA LYS A 28 1.04 -1.32 -11.38
C LYS A 28 0.10 -0.21 -11.85
N GLN A 29 -0.68 0.37 -10.92
CA GLN A 29 -1.60 1.45 -11.27
C GLN A 29 -0.87 2.76 -11.52
N HIS A 30 0.29 2.93 -10.88
CA HIS A 30 1.09 4.15 -11.04
C HIS A 30 1.60 4.25 -12.49
N ALA A 31 2.83 3.80 -12.74
CA ALA A 31 3.40 3.80 -14.09
C ALA A 31 3.36 5.18 -14.76
N GLU A 32 3.46 6.26 -13.97
CA GLU A 32 3.45 7.61 -14.53
C GLU A 32 4.88 8.08 -14.77
N GLN A 33 5.77 7.71 -13.85
CA GLN A 33 7.18 8.06 -13.94
C GLN A 33 8.05 6.82 -14.14
N ASN A 34 7.43 5.62 -14.09
CA ASN A 34 8.12 4.35 -14.27
C ASN A 34 9.06 4.06 -13.10
N LEU A 35 8.55 3.36 -12.09
CA LEU A 35 9.33 2.99 -10.91
C LEU A 35 9.13 1.53 -10.57
N ILE A 36 10.05 0.96 -9.80
CA ILE A 36 9.97 -0.45 -9.44
C ILE A 36 9.92 -0.66 -7.94
N LEU A 37 8.89 -1.37 -7.49
CA LEU A 37 8.73 -1.66 -6.08
C LEU A 37 9.37 -3.00 -5.74
N ALA A 38 10.42 -2.94 -4.92
CA ALA A 38 11.15 -4.12 -4.52
C ALA A 38 10.28 -5.04 -3.65
N GLY A 39 9.35 -4.45 -2.89
CA GLY A 39 8.49 -5.29 -2.06
C GLY A 39 7.64 -4.53 -1.06
N VAL A 40 6.62 -5.22 -0.54
CA VAL A 40 5.70 -4.65 0.45
C VAL A 40 6.39 -4.62 1.82
N ASP A 41 6.42 -3.43 2.43
CA ASP A 41 7.05 -3.24 3.73
C ASP A 41 6.07 -3.45 4.88
N ALA A 42 5.04 -2.60 4.93
CA ALA A 42 4.01 -2.67 5.96
C ALA A 42 2.78 -1.88 5.53
N GLY A 43 1.68 -1.99 6.28
CA GLY A 43 0.49 -1.27 5.91
C GLY A 43 -0.62 -1.29 6.94
N GLN A 44 -1.75 -0.72 6.55
CA GLN A 44 -2.93 -0.61 7.39
C GLN A 44 -4.21 -0.70 6.57
N ILE A 45 -5.34 -0.85 7.26
CA ILE A 45 -6.65 -0.95 6.59
C ILE A 45 -7.72 -0.22 7.41
N ILE A 46 -8.52 0.61 6.74
CA ILE A 46 -9.58 1.37 7.41
C ILE A 46 -10.96 0.82 7.07
N LYS A 47 -11.65 0.33 8.11
CA LYS A 47 -12.98 -0.25 7.94
C LYS A 47 -13.97 0.21 9.02
N GLY A 48 -15.24 0.00 8.72
CA GLY A 48 -16.34 0.33 9.62
C GLY A 48 -17.48 -0.63 9.37
N ILE A 49 -18.12 -0.46 8.21
CA ILE A 49 -19.18 -1.35 7.75
C ILE A 49 -18.70 -1.91 6.41
N PRO A 50 -18.33 -3.21 6.36
CA PRO A 50 -17.78 -3.79 5.15
C PRO A 50 -18.77 -4.34 4.14
N HIS A 51 -18.74 -3.72 2.97
CA HIS A 51 -19.53 -4.13 1.82
C HIS A 51 -18.55 -4.43 0.67
N TRP A 52 -17.30 -4.73 1.08
CA TRP A 52 -16.18 -5.02 0.18
C TRP A 52 -15.67 -3.75 -0.51
N ASP A 53 -15.73 -2.64 0.23
CA ASP A 53 -15.23 -1.34 -0.23
C ASP A 53 -14.18 -0.82 0.74
N ASN A 54 -13.49 -1.74 1.42
CA ASN A 54 -12.48 -1.41 2.43
C ASN A 54 -11.36 -0.53 1.88
N TYR A 55 -10.88 0.40 2.71
CA TYR A 55 -9.80 1.31 2.34
C TYR A 55 -8.46 0.76 2.79
N TYR A 56 -7.44 0.88 1.95
CA TYR A 56 -6.12 0.37 2.26
C TYR A 56 -5.06 1.49 2.27
N ASN A 57 -4.20 1.45 3.29
CA ASN A 57 -3.13 2.44 3.46
C ASN A 57 -1.83 1.70 3.81
N LEU A 58 -0.82 1.76 2.91
CA LEU A 58 0.42 1.03 3.19
C LEU A 58 1.68 1.75 2.69
N ILE A 59 2.83 1.23 3.14
CA ILE A 59 4.15 1.74 2.76
C ILE A 59 5.00 0.61 2.19
N LEU A 60 5.63 0.85 1.05
CA LEU A 60 6.45 -0.20 0.41
C LEU A 60 7.81 0.34 -0.07
N SER A 61 8.70 -0.57 -0.44
CA SER A 61 10.04 -0.22 -0.92
C SER A 61 10.11 -0.25 -2.44
N ALA A 62 10.62 0.82 -3.04
CA ALA A 62 10.74 0.90 -4.49
C ALA A 62 12.01 1.66 -4.93
N LYS A 63 12.62 1.16 -6.00
CA LYS A 63 13.83 1.76 -6.57
C LYS A 63 13.80 1.70 -8.09
N HIS A 64 14.68 2.46 -8.73
CA HIS A 64 14.74 2.51 -10.19
C HIS A 64 15.81 1.54 -10.74
N SER A 65 16.69 1.03 -9.87
CA SER A 65 17.74 0.11 -10.31
C SER A 65 18.19 -0.82 -9.18
N PRO A 66 18.65 -2.04 -9.54
CA PRO A 66 19.13 -3.05 -8.59
C PRO A 66 20.37 -2.60 -7.82
N HIS A 67 21.27 -1.89 -8.50
CA HIS A 67 22.51 -1.42 -7.88
C HIS A 67 22.29 -0.14 -7.07
N GLU A 68 21.04 0.26 -6.86
CA GLU A 68 20.74 1.47 -6.08
C GLU A 68 19.80 1.17 -4.91
N PHE A 69 19.70 2.14 -4.01
CA PHE A 69 18.87 2.03 -2.81
C PHE A 69 17.37 2.00 -3.10
N SER A 70 16.61 1.61 -2.08
CA SER A 70 15.16 1.56 -2.15
C SER A 70 14.59 2.49 -1.08
N LYS A 71 13.63 3.33 -1.47
CA LYS A 71 13.02 4.26 -0.52
C LYS A 71 11.58 3.85 -0.24
N PHE A 72 11.06 4.24 0.92
CA PHE A 72 9.70 3.89 1.31
C PHE A 72 8.70 4.90 0.74
N TYR A 73 7.59 4.36 0.24
CA TYR A 73 6.52 5.18 -0.34
C TYR A 73 5.20 4.85 0.34
N ASN A 74 4.38 5.88 0.58
CA ASN A 74 3.08 5.71 1.21
C ASN A 74 1.96 6.02 0.22
N VAL A 75 1.12 5.02 -0.05
CA VAL A 75 0.02 5.18 -1.00
C VAL A 75 -1.31 4.72 -0.38
N VAL A 76 -2.40 5.22 -0.95
CA VAL A 76 -3.74 4.86 -0.50
C VAL A 76 -4.48 4.13 -1.61
N VAL A 77 -5.02 2.96 -1.30
CA VAL A 77 -5.74 2.15 -2.29
C VAL A 77 -7.15 1.83 -1.83
N LEU A 78 -8.07 1.77 -2.79
CA LEU A 78 -9.46 1.46 -2.50
C LEU A 78 -9.85 0.12 -3.14
N GLU A 79 -10.41 -0.76 -2.32
CA GLU A 79 -10.85 -2.08 -2.78
C GLU A 79 -12.32 -2.01 -3.19
N LYS A 80 -12.64 -2.47 -4.40
CA LYS A 80 -14.03 -2.43 -4.88
C LYS A 80 -14.53 -3.80 -5.34
N ALA A 81 -15.79 -4.07 -5.01
CA ALA A 81 -16.45 -5.32 -5.40
C ALA A 81 -17.21 -5.15 -6.71
N SER A 82 -17.72 -3.94 -6.95
CA SER A 82 -18.47 -3.62 -8.17
C SER A 82 -17.67 -4.00 -9.42
N ASP A 83 -16.36 -3.74 -9.39
CA ASP A 83 -15.48 -4.06 -10.52
C ASP A 83 -14.68 -5.34 -10.27
N ASN A 84 -14.83 -5.93 -9.06
CA ASN A 84 -14.12 -7.16 -8.70
C ASN A 84 -12.62 -6.99 -8.89
N SER A 85 -12.05 -5.94 -8.27
CA SER A 85 -10.63 -5.67 -8.39
C SER A 85 -10.22 -4.54 -7.42
N LEU A 86 -8.96 -4.13 -7.53
CA LEU A 86 -8.42 -3.07 -6.69
C LEU A 86 -8.37 -1.75 -7.44
N LYS A 87 -8.16 -0.65 -6.71
CA LYS A 87 -8.09 0.67 -7.32
C LYS A 87 -7.14 1.58 -6.54
N LEU A 88 -6.20 2.20 -7.26
CA LEU A 88 -5.24 3.10 -6.63
C LEU A 88 -5.85 4.50 -6.45
N VAL A 89 -5.88 4.97 -5.21
CA VAL A 89 -6.44 6.29 -4.91
C VAL A 89 -5.40 7.39 -5.13
N ALA A 90 -4.25 7.25 -4.47
CA ALA A 90 -3.17 8.23 -4.61
C ALA A 90 -1.81 7.60 -4.29
N PHE A 91 -0.75 8.20 -4.83
CA PHE A 91 0.61 7.71 -4.61
C PHE A 91 1.50 8.83 -4.05
N VAL A 92 2.10 8.55 -2.88
CA VAL A 92 2.95 9.53 -2.20
C VAL A 92 4.28 8.93 -1.75
N PRO A 93 5.38 9.72 -1.83
CA PRO A 93 6.71 9.26 -1.43
C PRO A 93 6.97 9.49 0.06
N LEU A 94 7.60 8.52 0.71
CA LEU A 94 7.90 8.65 2.14
C LEU A 94 9.40 8.92 2.38
N PHE A 95 10.09 9.42 1.35
CA PHE A 95 11.52 9.71 1.47
C PHE A 95 11.79 11.22 1.45
N GLY A 1 0.39 10.43 19.03
CA GLY A 1 1.60 10.89 19.77
C GLY A 1 2.60 9.76 19.99
N PRO A 2 3.77 9.80 19.31
CA PRO A 2 4.81 8.77 19.46
C PRO A 2 5.52 8.84 20.80
N GLY A 3 5.96 7.69 21.30
CA GLY A 3 6.66 7.64 22.57
C GLY A 3 8.16 7.52 22.41
N PRO A 4 8.66 6.34 21.99
CA PRO A 4 10.08 6.08 21.78
C PRO A 4 10.58 6.58 20.43
N ALA A 5 11.83 6.26 20.10
CA ALA A 5 12.43 6.66 18.84
C ALA A 5 11.84 5.86 17.68
N ILE A 6 11.59 4.58 17.91
CA ILE A 6 11.03 3.69 16.89
C ILE A 6 9.49 3.77 16.90
N GLY A 7 8.90 3.68 18.10
CA GLY A 7 7.46 3.74 18.23
C GLY A 7 6.84 2.38 18.52
N GLU A 8 5.72 2.10 17.85
CA GLU A 8 5.02 0.83 18.04
C GLU A 8 4.65 0.21 16.69
N VAL A 9 4.34 -1.08 16.70
CA VAL A 9 3.99 -1.79 15.48
C VAL A 9 2.48 -1.94 15.34
N ILE A 10 1.92 -1.26 14.35
CA ILE A 10 0.49 -1.30 14.09
C ILE A 10 0.19 -1.35 12.59
N GLY A 11 -0.80 -2.17 12.22
CA GLY A 11 -1.17 -2.32 10.83
C GLY A 11 -1.51 -3.75 10.45
N ILE A 12 -1.69 -4.03 9.16
CA ILE A 12 -2.02 -5.37 8.73
C ILE A 12 -0.78 -6.14 8.27
N SER A 13 -0.80 -7.44 8.48
CA SER A 13 0.33 -8.30 8.10
C SER A 13 0.28 -8.60 6.61
N VAL A 14 1.46 -8.83 6.02
CA VAL A 14 1.53 -9.18 4.60
C VAL A 14 0.81 -10.51 4.36
N ASN A 15 0.69 -11.30 5.45
CA ASN A 15 0.01 -12.58 5.40
C ASN A 15 -1.39 -12.43 4.80
N ASP A 16 -2.03 -11.29 5.11
CA ASP A 16 -3.37 -10.99 4.62
C ASP A 16 -3.40 -11.03 3.09
N PRO A 17 -4.08 -12.04 2.50
CA PRO A 17 -4.18 -12.23 1.05
C PRO A 17 -4.81 -11.05 0.32
N ARG A 18 -5.68 -10.30 1.00
CA ARG A 18 -6.33 -9.15 0.39
C ARG A 18 -5.38 -7.98 0.34
N VAL A 19 -4.67 -7.76 1.45
CA VAL A 19 -3.71 -6.67 1.57
C VAL A 19 -2.58 -6.83 0.55
N LYS A 20 -2.02 -8.04 0.45
CA LYS A 20 -0.92 -8.32 -0.48
C LYS A 20 -1.32 -8.15 -1.94
N GLU A 21 -2.53 -8.59 -2.28
CA GLU A 21 -3.01 -8.48 -3.66
C GLU A 21 -3.39 -7.06 -4.00
N ILE A 22 -4.08 -6.41 -3.07
CA ILE A 22 -4.50 -5.03 -3.27
C ILE A 22 -3.28 -4.10 -3.35
N ALA A 23 -2.22 -4.43 -2.59
CA ALA A 23 -0.97 -3.67 -2.63
C ALA A 23 -0.35 -3.76 -4.03
N GLU A 24 -0.27 -4.99 -4.54
CA GLU A 24 0.27 -5.24 -5.88
C GLU A 24 -0.38 -4.31 -6.90
N PHE A 25 -1.71 -4.28 -6.90
CA PHE A 25 -2.46 -3.42 -7.81
C PHE A 25 -2.02 -1.96 -7.64
N ALA A 26 -1.75 -1.57 -6.39
CA ALA A 26 -1.34 -0.21 -6.09
C ALA A 26 -0.07 0.19 -6.86
N LEU A 27 0.94 -0.68 -6.83
CA LEU A 27 2.19 -0.41 -7.53
C LEU A 27 2.02 -0.40 -9.06
N LYS A 28 1.26 -1.37 -9.58
CA LYS A 28 1.03 -1.47 -11.02
C LYS A 28 0.05 -0.42 -11.56
N GLN A 29 -0.75 0.20 -10.68
CA GLN A 29 -1.71 1.22 -11.12
C GLN A 29 -1.01 2.56 -11.35
N HIS A 30 -0.07 2.90 -10.47
CA HIS A 30 0.69 4.15 -10.58
C HIS A 30 2.08 3.88 -11.13
N ALA A 31 2.40 4.52 -12.25
CA ALA A 31 3.71 4.35 -12.89
C ALA A 31 3.93 5.39 -13.99
N GLU A 32 3.58 6.64 -13.69
CA GLU A 32 3.75 7.74 -14.64
C GLU A 32 5.22 8.10 -14.83
N GLN A 33 5.98 8.05 -13.73
CA GLN A 33 7.42 8.36 -13.77
C GLN A 33 8.28 7.09 -13.77
N ASN A 34 7.65 5.91 -13.77
CA ASN A 34 8.35 4.63 -13.79
C ASN A 34 9.21 4.40 -12.54
N LEU A 35 8.68 3.63 -11.59
CA LEU A 35 9.37 3.29 -10.35
C LEU A 35 9.11 1.84 -9.96
N ILE A 36 9.99 1.27 -9.14
CA ILE A 36 9.86 -0.13 -8.74
C ILE A 36 9.65 -0.28 -7.24
N LEU A 37 8.58 -0.98 -6.87
CA LEU A 37 8.27 -1.21 -5.46
C LEU A 37 8.98 -2.46 -4.95
N ALA A 38 9.81 -2.28 -3.94
CA ALA A 38 10.56 -3.38 -3.33
C ALA A 38 9.62 -4.35 -2.65
N GLY A 39 8.54 -3.84 -2.07
CA GLY A 39 7.59 -4.72 -1.39
C GLY A 39 6.77 -4.05 -0.30
N VAL A 40 5.67 -4.69 0.07
CA VAL A 40 4.77 -4.21 1.11
C VAL A 40 5.45 -4.25 2.48
N ASP A 41 5.29 -3.18 3.26
CA ASP A 41 5.90 -3.09 4.59
C ASP A 41 4.85 -3.15 5.70
N ALA A 42 4.00 -2.12 5.76
CA ALA A 42 2.94 -2.04 6.77
C ALA A 42 1.78 -1.19 6.26
N GLY A 43 0.56 -1.54 6.66
CA GLY A 43 -0.60 -0.80 6.20
C GLY A 43 -1.74 -0.69 7.19
N GLN A 44 -2.86 -0.18 6.70
CA GLN A 44 -4.06 0.03 7.50
C GLN A 44 -5.32 -0.27 6.70
N ILE A 45 -6.37 -0.71 7.40
CA ILE A 45 -7.64 -1.03 6.77
C ILE A 45 -8.80 -0.30 7.45
N ILE A 46 -9.63 0.38 6.65
CA ILE A 46 -10.78 1.12 7.18
C ILE A 46 -12.07 0.39 6.85
N LYS A 47 -12.76 -0.07 7.90
CA LYS A 47 -14.01 -0.80 7.75
C LYS A 47 -15.10 -0.35 8.73
N GLY A 48 -16.33 -0.72 8.41
CA GLY A 48 -17.50 -0.43 9.22
C GLY A 48 -18.61 -1.39 8.86
N ILE A 49 -19.10 -1.25 7.64
CA ILE A 49 -20.11 -2.13 7.07
C ILE A 49 -19.49 -2.76 5.82
N PRO A 50 -19.16 -4.05 5.85
CA PRO A 50 -18.46 -4.69 4.74
C PRO A 50 -19.34 -5.23 3.62
N HIS A 51 -19.14 -4.63 2.46
CA HIS A 51 -19.79 -5.03 1.22
C HIS A 51 -18.67 -5.39 0.23
N TRP A 52 -17.52 -5.76 0.80
CA TRP A 52 -16.32 -6.09 0.06
C TRP A 52 -15.80 -4.90 -0.76
N ASP A 53 -15.97 -3.71 -0.16
CA ASP A 53 -15.51 -2.45 -0.75
C ASP A 53 -14.56 -1.75 0.24
N ASN A 54 -13.88 -2.56 1.06
CA ASN A 54 -12.97 -2.07 2.11
C ASN A 54 -11.99 -1.01 1.62
N TYR A 55 -11.67 -0.07 2.51
CA TYR A 55 -10.73 1.01 2.20
C TYR A 55 -9.34 0.65 2.73
N TYR A 56 -8.37 0.50 1.82
CA TYR A 56 -7.02 0.13 2.21
C TYR A 56 -6.07 1.33 2.13
N ASN A 57 -5.13 1.38 3.08
CA ASN A 57 -4.13 2.44 3.16
C ASN A 57 -2.83 1.83 3.66
N LEU A 58 -1.80 1.74 2.82
CA LEU A 58 -0.53 1.12 3.26
C LEU A 58 0.72 1.87 2.81
N ILE A 59 1.84 1.48 3.42
CA ILE A 59 3.15 2.05 3.15
C ILE A 59 4.12 0.94 2.69
N LEU A 60 4.68 1.08 1.49
CA LEU A 60 5.61 0.10 0.95
C LEU A 60 6.94 0.74 0.56
N SER A 61 7.94 -0.10 0.29
CA SER A 61 9.27 0.38 -0.11
C SER A 61 9.43 0.29 -1.63
N ALA A 62 10.18 1.24 -2.21
CA ALA A 62 10.39 1.28 -3.66
C ALA A 62 11.68 2.00 -4.05
N LYS A 63 12.30 1.53 -5.13
CA LYS A 63 13.53 2.13 -5.66
C LYS A 63 13.59 1.96 -7.17
N HIS A 64 14.49 2.70 -7.81
CA HIS A 64 14.65 2.65 -9.26
C HIS A 64 15.88 1.86 -9.69
N SER A 65 16.70 1.43 -8.71
CA SER A 65 17.91 0.66 -9.03
C SER A 65 18.23 -0.38 -7.95
N PRO A 66 18.74 -1.56 -8.37
CA PRO A 66 19.10 -2.66 -7.47
C PRO A 66 20.26 -2.32 -6.53
N HIS A 67 21.13 -1.42 -6.96
CA HIS A 67 22.29 -1.03 -6.15
C HIS A 67 22.02 0.23 -5.32
N GLU A 68 20.75 0.64 -5.21
CA GLU A 68 20.42 1.84 -4.44
C GLU A 68 19.35 1.58 -3.38
N PHE A 69 19.21 2.55 -2.49
CA PHE A 69 18.25 2.49 -1.38
C PHE A 69 16.80 2.45 -1.83
N SER A 70 15.93 2.13 -0.87
CA SER A 70 14.49 2.08 -1.09
C SER A 70 13.81 3.00 -0.09
N LYS A 71 12.84 3.79 -0.55
CA LYS A 71 12.13 4.71 0.33
C LYS A 71 10.69 4.26 0.54
N PHE A 72 10.00 4.90 1.48
CA PHE A 72 8.62 4.55 1.80
C PHE A 72 7.64 5.35 0.94
N TYR A 73 6.48 4.75 0.69
CA TYR A 73 5.42 5.37 -0.10
C TYR A 73 4.07 5.03 0.51
N ASN A 74 3.15 5.99 0.52
CA ASN A 74 1.81 5.78 1.07
C ASN A 74 0.75 5.87 -0.03
N VAL A 75 -0.08 4.83 -0.14
CA VAL A 75 -1.13 4.79 -1.15
C VAL A 75 -2.48 4.40 -0.58
N VAL A 76 -3.53 5.06 -1.06
CA VAL A 76 -4.89 4.76 -0.65
C VAL A 76 -5.54 3.98 -1.76
N VAL A 77 -5.80 2.70 -1.51
CA VAL A 77 -6.39 1.83 -2.51
C VAL A 77 -7.80 1.39 -2.12
N LEU A 78 -8.71 1.42 -3.09
CA LEU A 78 -10.10 1.04 -2.87
C LEU A 78 -10.44 -0.25 -3.62
N GLU A 79 -11.08 -1.19 -2.91
CA GLU A 79 -11.47 -2.46 -3.50
C GLU A 79 -12.90 -2.37 -4.05
N LYS A 80 -13.10 -2.79 -5.32
CA LYS A 80 -14.42 -2.71 -5.94
C LYS A 80 -14.91 -4.05 -6.49
N ALA A 81 -16.22 -4.25 -6.36
CA ALA A 81 -16.88 -5.45 -6.88
C ALA A 81 -17.59 -5.11 -8.20
N SER A 82 -18.03 -3.85 -8.32
CA SER A 82 -18.70 -3.37 -9.52
C SER A 82 -17.87 -3.64 -10.76
N ASP A 83 -16.56 -3.38 -10.68
CA ASP A 83 -15.67 -3.62 -11.82
C ASP A 83 -14.83 -4.90 -11.60
N ASN A 84 -15.16 -5.67 -10.55
CA ASN A 84 -14.45 -6.91 -10.23
C ASN A 84 -12.94 -6.73 -10.33
N SER A 85 -12.41 -5.79 -9.54
CA SER A 85 -10.98 -5.51 -9.54
C SER A 85 -10.63 -4.50 -8.44
N LEU A 86 -9.37 -4.08 -8.42
CA LEU A 86 -8.90 -3.11 -7.44
C LEU A 86 -8.81 -1.72 -8.08
N LYS A 87 -8.65 -0.69 -7.26
CA LYS A 87 -8.56 0.66 -7.77
C LYS A 87 -7.65 1.53 -6.91
N LEU A 88 -6.61 2.08 -7.54
CA LEU A 88 -5.67 2.94 -6.85
C LEU A 88 -6.23 4.36 -6.75
N VAL A 89 -6.58 4.76 -5.53
CA VAL A 89 -7.15 6.09 -5.30
C VAL A 89 -6.08 7.18 -5.33
N ALA A 90 -4.99 6.98 -4.59
CA ALA A 90 -3.92 7.98 -4.55
C ALA A 90 -2.55 7.34 -4.27
N PHE A 91 -1.50 7.94 -4.86
CA PHE A 91 -0.13 7.47 -4.69
C PHE A 91 0.75 8.62 -4.20
N VAL A 92 1.34 8.46 -3.01
CA VAL A 92 2.15 9.52 -2.40
C VAL A 92 3.51 9.01 -1.88
N PRO A 93 4.57 9.81 -2.01
CA PRO A 93 5.92 9.45 -1.53
C PRO A 93 6.05 9.70 -0.03
N LEU A 94 6.71 8.79 0.68
CA LEU A 94 6.88 8.92 2.12
C LEU A 94 8.35 9.15 2.52
N PHE A 95 9.02 10.07 1.84
CA PHE A 95 10.42 10.38 2.13
C PHE A 95 10.77 11.83 1.80
#